data_4MJR
#
_entry.id   4MJR
#
_cell.length_a   40.890
_cell.length_b   64.190
_cell.length_c   71.880
_cell.angle_alpha   74.01
_cell.angle_beta   82.99
_cell.angle_gamma   84.03
#
_symmetry.space_group_name_H-M   'P 1'
#
loop_
_entity.id
_entity.type
_entity.pdbx_description
1 polymer 'DNA polymerase III subunit beta'
2 non-polymer 'TRIETHYLENE GLYCOL'
3 non-polymer DI(HYDROXYETHYL)ETHER
4 non-polymer 'CHLORIDE ION'
5 non-polymer '(2S)-2-(6-chloro-9H-carbazol-2-yl)propanoic acid'
6 non-polymer 'CALCIUM ION'
7 water water
#
_entity_poly.entity_id   1
_entity_poly.type   'polypeptide(L)'
_entity_poly.pdbx_seq_one_letter_code
;MKFTVEREHLLKPLQQVSGPLGGRPTLPILGNLLLQVADGTLSLTGTDLEMEMVARVALVQPHEPGATTVPARKFFDICR
GLPEGAEIAVQLEGERMLVRSGRSRFSLSTLPAADFPNLDDWQSEVEFTLPQATMKRLIEATQFSMAHQDVRYYLNGMLF
ETEGEELRTVATDGHRLAVCSMPIGQSLPSHSVIVPRKGVIELMRMLDGGDNPLRVQIGSNNIRAHVGDFIFTSKLVDGR
FPDYRRVLPKNPDKHLEAGCDLLKQAFARAAILSNEKFRGVRLYVSENQLKITANNPEQEEAEEILDVTYSGAEMEIGFN
VSYVLDVLNALKCENVRMMLTDSVSSVQIEDAASQSAAYVVMPMRL
;
_entity_poly.pdbx_strand_id   A,B
#
loop_
_chem_comp.id
_chem_comp.type
_chem_comp.name
_chem_comp.formula
0LA non-polymer '(2S)-2-(6-chloro-9H-carbazol-2-yl)propanoic acid' 'C15 H12 Cl N O2'
CA non-polymer 'CALCIUM ION' 'Ca 2'
CL non-polymer 'CHLORIDE ION' 'Cl -1'
PEG non-polymer DI(HYDROXYETHYL)ETHER 'C4 H10 O3'
PGE non-polymer 'TRIETHYLENE GLYCOL' 'C6 H14 O4'
#
# COMPACT_ATOMS: atom_id res chain seq x y z
N MET A 1 -8.61 -32.21 22.79
CA MET A 1 -7.40 -31.39 22.43
C MET A 1 -7.37 -30.16 23.33
N LYS A 2 -6.27 -29.97 24.04
CA LYS A 2 -6.10 -28.82 24.90
C LYS A 2 -4.63 -28.38 24.89
N PHE A 3 -4.38 -27.08 24.87
CA PHE A 3 -3.04 -26.57 25.09
C PHE A 3 -3.09 -25.13 25.60
N THR A 4 -2.00 -24.69 26.23
CA THR A 4 -1.84 -23.31 26.62
C THR A 4 -0.45 -22.89 26.16
N VAL A 5 -0.37 -21.82 25.37
CA VAL A 5 0.89 -21.40 24.79
C VAL A 5 0.94 -19.87 24.76
N GLU A 6 2.14 -19.33 24.86
CA GLU A 6 2.32 -17.89 24.75
C GLU A 6 1.97 -17.42 23.34
N ARG A 7 1.23 -16.32 23.26
CA ARG A 7 0.95 -15.68 21.97
C ARG A 7 2.22 -15.56 21.15
N GLU A 8 3.30 -15.13 21.79
CA GLU A 8 4.57 -14.92 21.12
C GLU A 8 5.01 -16.10 20.26
N HIS A 9 4.80 -17.31 20.77
CA HIS A 9 5.26 -18.52 20.10
C HIS A 9 4.36 -18.91 18.94
N LEU A 10 3.16 -18.34 18.87
CA LEU A 10 2.23 -18.64 17.78
C LEU A 10 2.30 -17.70 16.58
N LEU A 11 2.83 -16.50 16.78
CA LEU A 11 2.70 -15.46 15.75
C LEU A 11 3.37 -15.79 14.41
N LYS A 12 4.65 -16.15 14.43
CA LYS A 12 5.36 -16.50 13.19
C LYS A 12 4.77 -17.76 12.55
N PRO A 13 4.56 -18.84 13.34
CA PRO A 13 3.87 -20.00 12.78
C PRO A 13 2.56 -19.64 12.07
N LEU A 14 1.71 -18.85 12.72
CA LEU A 14 0.42 -18.49 12.13
C LEU A 14 0.56 -17.72 10.84
N GLN A 15 1.47 -16.75 10.79
CA GLN A 15 1.63 -16.03 9.53
C GLN A 15 2.14 -16.94 8.41
N GLN A 16 3.00 -17.90 8.73
CA GLN A 16 3.50 -18.83 7.73
C GLN A 16 2.40 -19.75 7.19
N VAL A 17 1.58 -20.31 8.08
CA VAL A 17 0.60 -21.31 7.62
C VAL A 17 -0.67 -20.68 7.07
N SER A 18 -0.84 -19.38 7.27
CA SER A 18 -1.98 -18.68 6.68
C SER A 18 -1.70 -18.31 5.20
N GLY A 19 -0.47 -18.54 4.75
CA GLY A 19 -0.05 -18.28 3.37
C GLY A 19 -0.68 -19.07 2.22
N PRO A 20 -0.81 -20.42 2.35
CA PRO A 20 -1.63 -21.13 1.37
C PRO A 20 -3.10 -21.14 1.79
N LEU A 27 -12.31 -23.88 -1.83
CA LEU A 27 -13.34 -24.46 -0.97
C LEU A 27 -13.15 -24.05 0.50
N PRO A 28 -14.18 -24.28 1.36
CA PRO A 28 -14.15 -23.78 2.74
C PRO A 28 -13.05 -24.33 3.64
N ILE A 29 -12.79 -25.63 3.60
CA ILE A 29 -11.82 -26.23 4.52
C ILE A 29 -10.39 -25.75 4.23
N LEU A 30 -10.15 -25.27 3.01
CA LEU A 30 -8.84 -24.70 2.65
C LEU A 30 -8.62 -23.33 3.28
N GLY A 31 -9.69 -22.71 3.77
CA GLY A 31 -9.60 -21.50 4.55
C GLY A 31 -9.38 -21.79 6.02
N ASN A 32 -9.31 -23.07 6.38
CA ASN A 32 -9.02 -23.50 7.75
C ASN A 32 -7.57 -23.93 7.94
N LEU A 33 -7.14 -23.87 9.20
CA LEU A 33 -5.88 -24.46 9.63
C LEU A 33 -6.15 -25.71 10.41
N LEU A 34 -5.31 -26.70 10.19
CA LEU A 34 -5.29 -27.89 10.97
C LEU A 34 -4.41 -27.68 12.19
N LEU A 35 -4.97 -27.91 13.38
CA LEU A 35 -4.25 -27.93 14.63
C LEU A 35 -4.18 -29.36 15.16
N GLN A 36 -2.96 -29.82 15.48
CA GLN A 36 -2.74 -31.16 16.01
C GLN A 36 -1.84 -31.09 17.24
N VAL A 37 -2.26 -31.69 18.35
CA VAL A 37 -1.40 -31.83 19.52
C VAL A 37 -1.00 -33.29 19.64
N ALA A 38 0.31 -33.53 19.66
CA ALA A 38 0.86 -34.88 19.78
C ALA A 38 2.31 -34.78 20.20
N ASP A 39 2.75 -35.70 21.05
CA ASP A 39 4.14 -35.80 21.50
C ASP A 39 4.71 -34.45 21.89
N GLY A 40 3.98 -33.75 22.76
CA GLY A 40 4.47 -32.49 23.32
C GLY A 40 4.62 -31.34 22.32
N THR A 41 4.00 -31.47 21.15
CA THR A 41 4.09 -30.49 20.08
CA THR A 41 4.07 -30.42 20.13
C THR A 41 2.70 -30.08 19.58
N LEU A 42 2.56 -28.80 19.22
CA LEU A 42 1.41 -28.32 18.49
C LEU A 42 1.92 -28.13 17.06
N SER A 43 1.28 -28.79 16.11
CA SER A 43 1.55 -28.56 14.69
C SER A 43 0.39 -27.78 14.08
N LEU A 44 0.71 -26.82 13.21
CA LEU A 44 -0.29 -26.04 12.51
C LEU A 44 -0.04 -26.24 11.02
N THR A 45 -1.09 -26.55 10.27
CA THR A 45 -0.95 -26.79 8.85
C THR A 45 -1.96 -25.98 8.03
N GLY A 46 -1.46 -25.38 6.94
CA GLY A 46 -2.28 -24.69 5.96
C GLY A 46 -2.02 -25.29 4.59
N THR A 47 -3.05 -25.35 3.74
CA THR A 47 -2.89 -25.92 2.40
C THR A 47 -3.85 -25.31 1.39
N ASP A 48 -3.50 -25.40 0.12
CA ASP A 48 -4.40 -25.04 -0.97
C ASP A 48 -4.58 -26.20 -1.95
N LEU A 49 -4.27 -27.41 -1.49
CA LEU A 49 -4.27 -28.67 -2.27
C LEU A 49 -3.05 -28.89 -3.16
N GLU A 50 -2.36 -27.81 -3.54
CA GLU A 50 -1.17 -27.88 -4.38
C GLU A 50 0.10 -27.80 -3.55
N MET A 51 0.00 -27.14 -2.40
CA MET A 51 1.13 -26.99 -1.49
C MET A 51 0.60 -26.93 -0.07
N GLU A 52 1.49 -27.17 0.88
CA GLU A 52 1.15 -27.16 2.30
C GLU A 52 2.31 -26.57 3.09
N MET A 53 1.98 -25.89 4.18
CA MET A 53 2.99 -25.39 5.13
C MET A 53 2.69 -25.95 6.51
N VAL A 54 3.70 -26.49 7.17
CA VAL A 54 3.54 -27.02 8.50
C VAL A 54 4.48 -26.27 9.42
N ALA A 55 3.96 -25.86 10.56
CA ALA A 55 4.80 -25.23 11.58
C ALA A 55 4.59 -25.94 12.91
N ARG A 56 5.67 -26.13 13.66
CA ARG A 56 5.63 -26.81 14.94
CA ARG A 56 5.54 -26.77 14.94
C ARG A 56 6.00 -25.85 16.06
N VAL A 57 5.32 -26.02 17.20
CA VAL A 57 5.53 -25.24 18.41
C VAL A 57 5.56 -26.23 19.58
N ALA A 58 6.59 -26.10 20.42
CA ALA A 58 6.72 -26.96 21.61
C ALA A 58 5.75 -26.53 22.70
N LEU A 59 5.22 -27.52 23.42
CA LEU A 59 4.24 -27.31 24.50
C LEU A 59 4.80 -27.75 25.84
N VAL A 60 5.15 -26.78 26.68
CA VAL A 60 5.68 -27.06 28.00
C VAL A 60 4.59 -27.09 29.06
N GLN A 61 3.51 -26.35 28.82
CA GLN A 61 2.39 -26.27 29.75
C GLN A 61 1.54 -27.53 29.56
N PRO A 62 0.72 -27.87 30.57
CA PRO A 62 -0.13 -29.06 30.36
C PRO A 62 -0.94 -28.98 29.08
N HIS A 63 -1.11 -30.13 28.44
CA HIS A 63 -1.79 -30.25 27.17
C HIS A 63 -2.38 -31.63 27.03
N GLU A 64 -3.35 -31.74 26.13
CA GLU A 64 -3.98 -33.00 25.82
CA GLU A 64 -4.04 -32.98 25.83
C GLU A 64 -4.02 -33.19 24.31
N PRO A 65 -3.68 -34.41 23.84
CA PRO A 65 -3.62 -34.67 22.40
C PRO A 65 -4.96 -34.59 21.68
N GLY A 66 -4.90 -34.36 20.38
CA GLY A 66 -6.08 -34.30 19.55
C GLY A 66 -5.88 -33.34 18.41
N ALA A 67 -6.92 -33.21 17.60
CA ALA A 67 -6.86 -32.37 16.42
C ALA A 67 -8.20 -31.84 16.00
N THR A 68 -8.17 -30.67 15.37
CA THR A 68 -9.33 -30.06 14.76
C THR A 68 -8.87 -29.07 13.67
N THR A 69 -9.83 -28.48 12.97
CA THR A 69 -9.53 -27.40 12.05
C THR A 69 -10.39 -26.19 12.35
N VAL A 70 -9.80 -25.01 12.25
CA VAL A 70 -10.52 -23.76 12.49
C VAL A 70 -10.21 -22.71 11.43
N PRO A 71 -11.09 -21.72 11.27
CA PRO A 71 -10.83 -20.65 10.29
C PRO A 71 -9.50 -19.94 10.55
N ALA A 72 -8.63 -19.96 9.54
CA ALA A 72 -7.28 -19.44 9.67
C ALA A 72 -7.23 -17.97 10.02
N ARG A 73 -7.92 -17.15 9.23
CA ARG A 73 -7.80 -15.70 9.39
C ARG A 73 -8.40 -15.28 10.74
N LYS A 74 -9.53 -15.86 11.10
CA LYS A 74 -10.16 -15.56 12.38
C LYS A 74 -9.24 -15.94 13.54
N PHE A 75 -8.71 -17.16 13.51
CA PHE A 75 -7.82 -17.60 14.58
C PHE A 75 -6.56 -16.73 14.63
N PHE A 76 -5.96 -16.47 13.47
CA PHE A 76 -4.77 -15.60 13.42
C PHE A 76 -5.07 -14.19 13.93
N ASP A 77 -6.19 -13.62 13.47
CA ASP A 77 -6.55 -12.26 13.88
C ASP A 77 -6.80 -12.17 15.40
N ILE A 78 -7.39 -13.21 15.96
CA ILE A 78 -7.64 -13.27 17.42
C ILE A 78 -6.31 -13.28 18.15
N CYS A 79 -5.41 -14.17 17.75
CA CYS A 79 -4.11 -14.26 18.46
C CYS A 79 -3.30 -12.96 18.33
N ARG A 80 -3.27 -12.39 17.14
CA ARG A 80 -2.51 -11.18 16.84
C ARG A 80 -3.10 -9.98 17.57
N GLY A 81 -4.42 -10.02 17.74
CA GLY A 81 -5.18 -8.96 18.41
C GLY A 81 -5.11 -8.96 19.92
N LEU A 82 -4.64 -10.05 20.51
CA LEU A 82 -4.42 -10.10 21.95
C LEU A 82 -3.16 -9.32 22.29
N PRO A 83 -3.06 -8.91 23.55
CA PRO A 83 -1.94 -8.07 23.97
C PRO A 83 -0.60 -8.77 23.93
N GLU A 84 0.46 -8.00 23.72
CA GLU A 84 1.81 -8.52 23.87
C GLU A 84 1.95 -9.18 25.25
N GLY A 85 2.59 -10.35 25.28
CA GLY A 85 2.72 -11.13 26.50
C GLY A 85 1.58 -12.07 26.87
N ALA A 86 0.50 -12.07 26.10
CA ALA A 86 -0.66 -12.89 26.42
C ALA A 86 -0.37 -14.38 26.35
N GLU A 87 -1.02 -15.12 27.23
CA GLU A 87 -1.13 -16.58 27.17
C GLU A 87 -2.43 -16.94 26.49
N ILE A 88 -2.40 -17.97 25.66
CA ILE A 88 -3.58 -18.35 24.93
C ILE A 88 -3.88 -19.80 25.26
N ALA A 89 -5.06 -20.03 25.87
CA ALA A 89 -5.54 -21.37 26.23
C ALA A 89 -6.59 -21.81 25.23
N VAL A 90 -6.44 -23.05 24.74
CA VAL A 90 -7.32 -23.62 23.74
C VAL A 90 -7.86 -24.95 24.25
N GLN A 91 -9.14 -25.18 24.02
CA GLN A 91 -9.86 -26.36 24.46
C GLN A 91 -10.88 -26.69 23.38
N LEU A 92 -10.87 -27.93 22.90
CA LEU A 92 -11.80 -28.37 21.86
C LEU A 92 -13.10 -28.83 22.50
N GLU A 93 -14.22 -28.32 22.02
CA GLU A 93 -15.54 -28.72 22.53
C GLU A 93 -16.46 -29.06 21.36
N GLY A 94 -16.13 -30.17 20.69
CA GLY A 94 -17.00 -30.72 19.65
C GLY A 94 -17.04 -29.86 18.40
N GLU A 95 -18.18 -29.21 18.18
CA GLU A 95 -18.36 -28.40 16.98
C GLU A 95 -17.80 -26.98 17.18
N ARG A 96 -17.20 -26.73 18.34
CA ARG A 96 -16.55 -25.44 18.62
C ARG A 96 -15.19 -25.62 19.25
N MET A 97 -14.30 -24.66 18.99
CA MET A 97 -13.01 -24.60 19.65
C MET A 97 -12.98 -23.33 20.47
N LEU A 98 -12.71 -23.50 21.76
CA LEU A 98 -12.69 -22.39 22.71
C LEU A 98 -11.28 -21.81 22.82
N VAL A 99 -11.17 -20.49 22.74
CA VAL A 99 -9.92 -19.76 22.91
C VAL A 99 -10.08 -18.75 24.02
N ARG A 100 -9.16 -18.78 24.97
CA ARG A 100 -9.24 -18.00 26.20
C ARG A 100 -7.94 -17.30 26.45
N SER A 101 -8.00 -16.01 26.75
CA SER A 101 -6.82 -15.27 27.16
C SER A 101 -7.27 -14.11 28.03
N GLY A 102 -6.82 -14.10 29.29
CA GLY A 102 -7.37 -13.16 30.28
C GLY A 102 -8.87 -13.28 30.42
N ARG A 103 -9.58 -12.18 30.19
CA ARG A 103 -11.04 -12.19 30.14
C ARG A 103 -11.55 -11.96 28.70
N SER A 104 -10.75 -12.41 27.73
CA SER A 104 -11.16 -12.46 26.35
C SER A 104 -11.49 -13.92 26.02
N ARG A 105 -12.68 -14.17 25.49
CA ARG A 105 -13.13 -15.53 25.20
C ARG A 105 -13.71 -15.62 23.81
N PHE A 106 -13.35 -16.68 23.09
CA PHE A 106 -13.81 -16.85 21.72
C PHE A 106 -14.22 -18.30 21.49
N SER A 107 -15.25 -18.48 20.68
CA SER A 107 -15.73 -19.80 20.30
C SER A 107 -15.75 -19.84 18.76
N LEU A 108 -14.89 -20.67 18.19
CA LEU A 108 -14.79 -20.84 16.74
C LEU A 108 -15.42 -22.13 16.25
N SER A 109 -16.06 -22.05 15.08
CA SER A 109 -16.66 -23.23 14.47
CA SER A 109 -16.66 -23.22 14.43
C SER A 109 -15.55 -24.10 13.86
N THR A 110 -15.68 -25.41 14.04
CA THR A 110 -14.66 -26.35 13.59
C THR A 110 -15.18 -27.20 12.45
N LEU A 111 -14.24 -27.71 11.65
CA LEU A 111 -14.49 -28.82 10.73
C LEU A 111 -13.53 -29.93 11.14
N PRO A 112 -13.94 -31.20 10.98
CA PRO A 112 -13.11 -32.29 11.45
C PRO A 112 -11.72 -32.36 10.81
N ALA A 113 -10.72 -32.67 11.64
CA ALA A 113 -9.35 -32.92 11.18
C ALA A 113 -9.31 -33.95 10.06
N ALA A 114 -10.14 -34.99 10.19
CA ALA A 114 -10.24 -36.05 9.18
C ALA A 114 -10.65 -35.56 7.80
N ASP A 115 -11.36 -34.43 7.74
CA ASP A 115 -11.73 -33.83 6.45
C ASP A 115 -10.59 -32.99 5.84
N PHE A 116 -9.52 -32.73 6.59
CA PHE A 116 -8.47 -31.82 6.10
C PHE A 116 -7.67 -32.51 4.99
N PRO A 117 -7.52 -31.83 3.83
CA PRO A 117 -6.79 -32.48 2.74
C PRO A 117 -5.33 -32.76 3.10
N ASN A 118 -4.87 -33.96 2.74
CA ASN A 118 -3.46 -34.35 2.90
C ASN A 118 -2.82 -34.40 1.54
N LEU A 119 -1.61 -33.89 1.41
CA LEU A 119 -0.80 -34.22 0.25
C LEU A 119 -0.46 -35.70 0.40
N ASP A 120 -0.68 -36.46 -0.68
CA ASP A 120 -0.30 -37.87 -0.75
C ASP A 120 1.15 -38.08 -0.35
N ASP A 121 1.44 -39.17 0.35
CA ASP A 121 2.81 -39.54 0.66
C ASP A 121 3.57 -39.70 -0.66
N TRP A 122 4.87 -39.45 -0.62
CA TRP A 122 5.71 -39.46 -1.82
C TRP A 122 7.12 -39.82 -1.38
N GLN A 123 8.03 -39.98 -2.34
CA GLN A 123 9.40 -40.37 -2.02
CA GLN A 123 9.38 -40.40 -2.04
C GLN A 123 10.42 -39.39 -2.58
N SER A 124 11.39 -39.09 -1.74
CA SER A 124 12.48 -38.22 -2.08
C SER A 124 13.44 -38.95 -3.01
N GLU A 125 13.94 -38.25 -4.03
CA GLU A 125 14.91 -38.77 -4.99
C GLU A 125 16.24 -37.98 -4.98
N VAL A 126 16.19 -36.70 -4.64
CA VAL A 126 17.38 -35.87 -4.56
C VAL A 126 17.29 -35.04 -3.29
N GLU A 127 18.38 -34.98 -2.53
CA GLU A 127 18.42 -34.23 -1.27
C GLU A 127 19.74 -33.51 -1.01
N PHE A 128 19.64 -32.31 -0.47
CA PHE A 128 20.83 -31.54 -0.12
C PHE A 128 20.44 -30.45 0.88
N THR A 129 21.45 -29.95 1.59
CA THR A 129 21.26 -28.88 2.54
C THR A 129 22.05 -27.67 2.01
N LEU A 130 21.47 -26.49 2.16
CA LEU A 130 22.16 -25.25 1.79
C LEU A 130 21.69 -24.14 2.71
N PRO A 131 22.49 -23.06 2.85
CA PRO A 131 21.98 -22.00 3.71
C PRO A 131 20.68 -21.42 3.13
N GLN A 132 19.70 -21.14 3.97
CA GLN A 132 18.50 -20.49 3.43
C GLN A 132 18.84 -19.21 2.66
N ALA A 133 19.89 -18.49 3.04
CA ALA A 133 20.32 -17.29 2.32
C ALA A 133 20.64 -17.55 0.85
N THR A 134 21.19 -18.72 0.55
CA THR A 134 21.54 -19.09 -0.80
C THR A 134 20.27 -19.35 -1.60
N MET A 135 19.32 -20.06 -0.99
CA MET A 135 18.03 -20.32 -1.65
C MET A 135 17.30 -18.99 -1.90
N LYS A 136 17.33 -18.08 -0.94
CA LYS A 136 16.72 -16.76 -1.15
C LYS A 136 17.32 -16.00 -2.31
N ARG A 137 18.64 -16.04 -2.41
CA ARG A 137 19.37 -15.34 -3.45
C ARG A 137 18.99 -15.88 -4.83
N LEU A 138 18.90 -17.19 -4.91
CA LEU A 138 18.55 -17.85 -6.17
C LEU A 138 17.15 -17.46 -6.64
N ILE A 139 16.20 -17.44 -5.71
CA ILE A 139 14.84 -17.12 -6.06
C ILE A 139 14.69 -15.65 -6.38
N GLU A 140 15.28 -14.77 -5.56
CA GLU A 140 15.21 -13.31 -5.79
C GLU A 140 15.77 -12.90 -7.15
N ALA A 141 16.81 -13.61 -7.57
CA ALA A 141 17.54 -13.31 -8.80
C ALA A 141 16.67 -13.57 -10.03
N THR A 142 15.69 -14.44 -9.89
CA THR A 142 15.00 -15.00 -11.07
C THR A 142 13.47 -14.92 -11.08
N GLN A 143 12.82 -14.77 -9.92
CA GLN A 143 11.36 -14.97 -9.81
C GLN A 143 10.53 -14.05 -10.70
N PHE A 144 11.02 -12.84 -10.91
CA PHE A 144 10.30 -11.84 -11.72
C PHE A 144 10.13 -12.23 -13.19
N SER A 145 10.90 -13.20 -13.66
CA SER A 145 10.81 -13.66 -15.07
C SER A 145 9.90 -14.86 -15.25
N MET A 146 9.27 -15.32 -14.16
CA MET A 146 8.27 -16.40 -14.31
C MET A 146 7.07 -15.86 -15.09
N ALA A 147 6.43 -16.72 -15.87
CA ALA A 147 5.13 -16.37 -16.45
C ALA A 147 4.04 -16.34 -15.36
N HIS A 148 2.94 -15.67 -15.66
CA HIS A 148 1.74 -15.65 -14.82
C HIS A 148 0.56 -16.08 -15.71
N GLN A 149 0.02 -17.27 -15.50
CA GLN A 149 -1.21 -17.71 -16.17
C GLN A 149 -1.07 -17.90 -17.69
N ASP A 150 0.13 -18.24 -18.13
CA ASP A 150 0.36 -18.64 -19.51
C ASP A 150 -0.31 -19.98 -19.77
N VAL A 151 -0.80 -20.16 -20.99
CA VAL A 151 -1.32 -21.47 -21.41
C VAL A 151 -0.24 -22.55 -21.39
N ARG A 152 1.02 -22.15 -21.63
CA ARG A 152 2.16 -23.03 -21.41
C ARG A 152 2.41 -23.08 -19.89
N TYR A 153 1.61 -23.91 -19.23
CA TYR A 153 1.60 -24.10 -17.78
C TYR A 153 2.98 -24.30 -17.13
N TYR A 154 3.90 -24.94 -17.85
CA TYR A 154 5.26 -25.20 -17.37
C TYR A 154 6.11 -23.93 -17.19
N LEU A 155 5.64 -22.81 -17.74
CA LEU A 155 6.35 -21.54 -17.57
C LEU A 155 5.85 -20.76 -16.36
N ASN A 156 4.72 -21.16 -15.79
CA ASN A 156 4.14 -20.51 -14.62
C ASN A 156 4.78 -21.11 -13.38
N GLY A 157 6.09 -20.88 -13.27
CA GLY A 157 6.89 -21.49 -12.22
C GLY A 157 8.35 -21.30 -12.50
N MET A 158 9.17 -22.03 -11.76
CA MET A 158 10.62 -21.87 -11.77
C MET A 158 11.32 -23.22 -11.85
N LEU A 159 12.29 -23.32 -12.74
CA LEU A 159 13.13 -24.51 -12.79
C LEU A 159 14.13 -24.49 -11.65
N PHE A 160 14.23 -25.60 -10.94
CA PHE A 160 15.28 -25.86 -9.97
C PHE A 160 16.12 -26.99 -10.52
N GLU A 161 17.37 -26.68 -10.82
CA GLU A 161 18.29 -27.64 -11.44
C GLU A 161 19.54 -27.83 -10.60
N THR A 162 19.89 -29.10 -10.36
CA THR A 162 21.16 -29.43 -9.74
C THR A 162 22.10 -29.87 -10.86
N GLU A 163 23.33 -29.36 -10.80
CA GLU A 163 24.37 -29.73 -11.77
C GLU A 163 25.74 -29.55 -11.14
N GLY A 164 26.49 -30.64 -11.07
CA GLY A 164 27.80 -30.62 -10.43
C GLY A 164 27.66 -30.26 -8.97
N GLU A 165 28.22 -29.12 -8.58
CA GLU A 165 28.17 -28.68 -7.19
C GLU A 165 27.24 -27.47 -7.03
N GLU A 166 26.46 -27.17 -8.07
CA GLU A 166 25.61 -25.97 -8.07
C GLU A 166 24.14 -26.31 -8.01
N LEU A 167 23.41 -25.40 -7.39
CA LEU A 167 21.98 -25.30 -7.56
C LEU A 167 21.72 -24.06 -8.43
N ARG A 168 20.86 -24.25 -9.42
CA ARG A 168 20.49 -23.24 -10.41
C ARG A 168 18.96 -23.06 -10.44
N THR A 169 18.54 -21.80 -10.56
CA THR A 169 17.15 -21.46 -10.87
C THR A 169 17.09 -20.84 -12.26
N VAL A 170 16.03 -21.18 -12.99
CA VAL A 170 15.71 -20.59 -14.29
C VAL A 170 14.23 -20.19 -14.31
N ALA A 171 13.96 -18.98 -14.81
CA ALA A 171 12.58 -18.52 -15.00
C ALA A 171 12.47 -17.80 -16.31
N THR A 172 11.40 -18.08 -17.06
CA THR A 172 11.15 -17.40 -18.32
C THR A 172 9.66 -17.34 -18.64
N ASP A 173 9.26 -16.29 -19.36
CA ASP A 173 7.87 -16.11 -19.76
C ASP A 173 7.69 -16.07 -21.26
N GLY A 174 8.74 -16.47 -21.97
CA GLY A 174 8.77 -16.47 -23.43
C GLY A 174 9.36 -15.24 -24.07
N HIS A 175 9.50 -14.17 -23.29
CA HIS A 175 10.02 -12.88 -23.76
C HIS A 175 11.33 -12.52 -23.09
N ARG A 176 11.48 -12.95 -21.85
CA ARG A 176 12.71 -12.69 -21.12
C ARG A 176 12.99 -13.87 -20.21
N LEU A 177 14.27 -14.03 -19.86
CA LEU A 177 14.75 -15.18 -19.09
C LEU A 177 15.73 -14.74 -18.03
N ALA A 178 15.68 -15.41 -16.89
CA ALA A 178 16.63 -15.17 -15.79
C ALA A 178 17.21 -16.50 -15.37
N VAL A 179 18.53 -16.54 -15.13
CA VAL A 179 19.18 -17.77 -14.67
C VAL A 179 20.22 -17.40 -13.62
N CYS A 180 20.26 -18.15 -12.52
CA CYS A 180 21.20 -17.88 -11.42
C CYS A 180 21.70 -19.21 -10.89
N SER A 181 22.99 -19.30 -10.59
CA SER A 181 23.61 -20.56 -10.08
C SER A 181 24.41 -20.23 -8.85
N MET A 182 24.34 -21.06 -7.82
CA MET A 182 25.11 -20.85 -6.60
C MET A 182 25.77 -22.15 -6.17
N PRO A 183 26.96 -22.07 -5.60
CA PRO A 183 27.65 -23.27 -5.16
C PRO A 183 27.03 -23.82 -3.89
N ILE A 184 26.88 -25.12 -3.77
CA ILE A 184 26.44 -25.66 -2.49
C ILE A 184 27.42 -26.63 -1.82
N GLY A 185 28.60 -26.82 -2.42
CA GLY A 185 29.71 -27.47 -1.71
C GLY A 185 29.64 -28.98 -1.64
N GLN A 186 28.78 -29.58 -2.45
CA GLN A 186 28.78 -31.03 -2.58
C GLN A 186 28.42 -31.41 -4.00
N SER A 187 28.93 -32.56 -4.41
CA SER A 187 28.66 -33.14 -5.73
C SER A 187 27.21 -33.60 -5.80
N LEU A 188 26.49 -33.17 -6.84
CA LEU A 188 25.06 -33.43 -6.96
C LEU A 188 24.74 -34.20 -8.22
N PRO A 189 23.66 -34.97 -8.18
CA PRO A 189 23.22 -35.57 -9.44
C PRO A 189 22.60 -34.51 -10.35
N SER A 190 22.58 -34.77 -11.65
CA SER A 190 21.99 -33.88 -12.63
C SER A 190 20.50 -34.11 -12.64
N HIS A 191 19.75 -33.07 -12.31
CA HIS A 191 18.33 -33.23 -12.11
C HIS A 191 17.68 -31.87 -12.24
N SER A 192 16.45 -31.84 -12.73
CA SER A 192 15.67 -30.62 -12.93
CA SER A 192 15.69 -30.61 -12.75
C SER A 192 14.19 -30.85 -12.63
N VAL A 193 13.54 -29.90 -11.96
CA VAL A 193 12.11 -29.92 -11.72
C VAL A 193 11.58 -28.49 -11.80
N ILE A 194 10.29 -28.38 -12.07
CA ILE A 194 9.60 -27.10 -12.14
C ILE A 194 8.68 -26.92 -10.92
N VAL A 195 8.94 -25.87 -10.13
CA VAL A 195 8.12 -25.54 -8.97
C VAL A 195 7.06 -24.50 -9.41
N PRO A 196 5.77 -24.74 -9.12
CA PRO A 196 4.75 -23.75 -9.48
C PRO A 196 5.01 -22.37 -8.89
N ARG A 197 4.65 -21.33 -9.63
CA ARG A 197 4.93 -19.97 -9.20
C ARG A 197 4.39 -19.64 -7.81
N LYS A 198 3.19 -20.08 -7.48
CA LYS A 198 2.63 -19.83 -6.14
C LYS A 198 3.50 -20.51 -5.05
N GLY A 199 4.04 -21.68 -5.38
CA GLY A 199 5.01 -22.39 -4.52
C GLY A 199 6.31 -21.64 -4.29
N VAL A 200 6.86 -21.10 -5.36
CA VAL A 200 8.08 -20.29 -5.31
C VAL A 200 7.90 -19.10 -4.38
N ILE A 201 6.77 -18.41 -4.52
CA ILE A 201 6.49 -17.23 -3.72
C ILE A 201 6.32 -17.61 -2.24
N GLU A 202 5.63 -18.72 -1.95
CA GLU A 202 5.45 -19.20 -0.57
C GLU A 202 6.77 -19.67 0.02
N LEU A 203 7.58 -20.33 -0.80
CA LEU A 203 8.88 -20.77 -0.32
C LEU A 203 9.72 -19.55 0.05
N MET A 204 9.78 -18.60 -0.87
CA MET A 204 10.52 -17.37 -0.64
CA MET A 204 10.50 -17.32 -0.67
C MET A 204 10.08 -16.68 0.65
N ARG A 205 8.78 -16.61 0.89
CA ARG A 205 8.24 -16.00 2.13
C ARG A 205 8.52 -16.76 3.44
N MET A 206 8.86 -18.04 3.35
CA MET A 206 9.31 -18.83 4.50
C MET A 206 10.72 -18.46 4.96
N LEU A 207 11.50 -17.85 4.08
CA LEU A 207 12.93 -17.65 4.32
C LEU A 207 13.21 -16.26 4.84
N ASP A 208 13.69 -16.15 6.07
CA ASP A 208 14.05 -14.82 6.61
C ASP A 208 15.54 -14.54 6.41
N GLY A 209 16.05 -13.53 7.12
CA GLY A 209 17.43 -13.12 6.98
C GLY A 209 18.45 -13.95 7.75
N GLY A 210 17.99 -14.89 8.56
CA GLY A 210 18.90 -15.63 9.45
C GLY A 210 19.86 -16.57 8.74
N ASP A 211 20.94 -16.88 9.43
CA ASP A 211 21.84 -17.95 9.05
C ASP A 211 21.20 -19.23 9.53
N ASN A 212 20.64 -20.01 8.61
CA ASN A 212 19.87 -21.15 9.02
C ASN A 212 19.91 -22.22 7.92
N PRO A 213 20.31 -23.46 8.27
CA PRO A 213 20.36 -24.49 7.28
C PRO A 213 18.97 -24.78 6.70
N LEU A 214 18.89 -24.96 5.38
CA LEU A 214 17.67 -25.35 4.70
C LEU A 214 17.86 -26.71 4.03
N ARG A 215 17.02 -27.68 4.40
CA ARG A 215 17.06 -29.00 3.82
C ARG A 215 16.02 -29.14 2.70
N VAL A 216 16.48 -29.46 1.50
CA VAL A 216 15.63 -29.65 0.34
C VAL A 216 15.54 -31.13 -0.06
N GLN A 217 14.33 -31.60 -0.32
CA GLN A 217 14.09 -32.95 -0.80
C GLN A 217 13.21 -32.81 -2.02
N ILE A 218 13.66 -33.42 -3.12
CA ILE A 218 12.93 -33.35 -4.39
C ILE A 218 12.53 -34.78 -4.77
N GLY A 219 11.24 -34.96 -5.04
CA GLY A 219 10.69 -36.22 -5.59
C GLY A 219 10.33 -36.08 -7.05
N SER A 220 9.68 -37.10 -7.61
CA SER A 220 9.22 -37.05 -8.99
C SER A 220 8.11 -36.01 -9.20
N ASN A 221 7.29 -35.82 -8.17
CA ASN A 221 6.10 -34.98 -8.27
C ASN A 221 5.97 -33.95 -7.16
N ASN A 222 6.99 -33.83 -6.30
CA ASN A 222 6.91 -32.94 -5.15
C ASN A 222 8.27 -32.38 -4.81
N ILE A 223 8.27 -31.23 -4.14
CA ILE A 223 9.46 -30.69 -3.49
C ILE A 223 9.12 -30.35 -2.03
N ARG A 224 10.10 -30.50 -1.15
CA ARG A 224 9.96 -30.14 0.26
C ARG A 224 11.15 -29.34 0.71
N ALA A 225 10.88 -28.33 1.54
CA ALA A 225 11.93 -27.52 2.13
C ALA A 225 11.71 -27.38 3.64
N HIS A 226 12.74 -27.67 4.43
CA HIS A 226 12.63 -27.61 5.88
C HIS A 226 13.64 -26.61 6.41
N VAL A 227 13.17 -25.59 7.13
CA VAL A 227 14.08 -24.67 7.84
C VAL A 227 13.52 -24.44 9.22
N GLY A 228 14.38 -24.46 10.25
CA GLY A 228 13.90 -24.31 11.61
C GLY A 228 12.77 -25.27 11.86
N ASP A 229 11.63 -24.75 12.32
CA ASP A 229 10.50 -25.63 12.61
C ASP A 229 9.37 -25.41 11.61
N PHE A 230 9.75 -25.12 10.37
CA PHE A 230 8.80 -24.96 9.26
C PHE A 230 9.09 -25.98 8.17
N ILE A 231 8.04 -26.60 7.65
CA ILE A 231 8.17 -27.54 6.54
C ILE A 231 7.19 -27.18 5.43
N PHE A 232 7.75 -26.84 4.27
CA PHE A 232 6.99 -26.49 3.08
C PHE A 232 7.02 -27.61 2.07
N THR A 233 5.85 -28.01 1.56
CA THR A 233 5.78 -29.03 0.52
C THR A 233 4.91 -28.53 -0.61
N SER A 234 5.36 -28.71 -1.84
CA SER A 234 4.58 -28.38 -3.01
C SER A 234 4.59 -29.49 -4.06
N LYS A 235 3.51 -29.59 -4.81
CA LYS A 235 3.53 -30.36 -6.05
C LYS A 235 4.44 -29.68 -7.04
N LEU A 236 4.93 -30.44 -8.01
CA LEU A 236 5.71 -29.92 -9.11
C LEU A 236 4.83 -29.77 -10.34
N VAL A 237 5.35 -29.10 -11.37
CA VAL A 237 4.64 -28.90 -12.63
C VAL A 237 5.24 -29.90 -13.62
N ASP A 238 4.38 -30.67 -14.28
CA ASP A 238 4.81 -31.81 -15.08
C ASP A 238 4.86 -31.48 -16.56
N GLY A 239 5.98 -30.92 -17.02
CA GLY A 239 6.19 -30.58 -18.44
C GLY A 239 7.63 -30.32 -18.82
N ARG A 240 7.85 -29.93 -20.08
CA ARG A 240 9.19 -29.74 -20.63
C ARG A 240 9.62 -28.27 -20.55
N PHE A 241 10.57 -27.98 -19.66
CA PHE A 241 11.05 -26.61 -19.49
C PHE A 241 12.12 -26.29 -20.54
N PRO A 242 12.11 -25.04 -21.07
CA PRO A 242 13.17 -24.70 -22.04
C PRO A 242 14.60 -24.74 -21.47
N ASP A 243 15.56 -25.00 -22.35
CA ASP A 243 16.97 -25.11 -21.98
C ASP A 243 17.58 -23.72 -22.09
N TYR A 244 17.94 -23.12 -20.95
CA TYR A 244 18.48 -21.76 -20.95
C TYR A 244 19.69 -21.60 -21.84
N ARG A 245 20.46 -22.67 -21.97
CA ARG A 245 21.69 -22.69 -22.79
CA ARG A 245 21.69 -22.65 -22.79
C ARG A 245 21.38 -22.34 -24.25
N ARG A 246 20.18 -22.70 -24.71
CA ARG A 246 19.76 -22.39 -26.08
C ARG A 246 19.15 -20.99 -26.22
N VAL A 247 18.95 -20.33 -25.09
CA VAL A 247 18.36 -19.01 -25.06
C VAL A 247 19.47 -17.94 -25.02
N LEU A 248 20.57 -18.27 -24.34
CA LEU A 248 21.72 -17.34 -24.24
C LEU A 248 22.26 -17.02 -25.63
N PRO A 249 22.52 -15.73 -25.91
CA PRO A 249 23.12 -15.41 -27.21
C PRO A 249 24.41 -16.19 -27.46
N LYS A 250 24.50 -16.84 -28.61
CA LYS A 250 25.63 -17.74 -28.86
C LYS A 250 26.96 -17.04 -29.20
N ASN A 251 26.88 -15.85 -29.79
CA ASN A 251 28.11 -15.13 -30.17
C ASN A 251 27.91 -13.62 -30.28
N PRO A 252 27.62 -12.96 -29.15
CA PRO A 252 27.41 -11.52 -29.21
C PRO A 252 28.69 -10.79 -29.57
N ASP A 253 28.61 -9.91 -30.55
CA ASP A 253 29.79 -9.17 -31.02
C ASP A 253 29.76 -7.69 -30.65
N LYS A 254 28.74 -7.28 -29.90
CA LYS A 254 28.62 -5.90 -29.49
C LYS A 254 28.50 -5.87 -27.98
N HIS A 255 29.34 -5.08 -27.32
CA HIS A 255 29.38 -5.04 -25.87
C HIS A 255 29.24 -3.63 -25.35
N LEU A 256 28.20 -3.45 -24.53
CA LEU A 256 27.93 -2.17 -23.91
C LEU A 256 28.12 -2.35 -22.42
N GLU A 257 28.81 -1.39 -21.81
CA GLU A 257 28.93 -1.33 -20.37
C GLU A 257 28.53 0.07 -19.88
N ALA A 258 27.71 0.10 -18.85
CA ALA A 258 27.21 1.36 -18.30
C ALA A 258 26.89 1.23 -16.82
N GLY A 259 26.78 2.38 -16.15
CA GLY A 259 26.37 2.40 -14.75
C GLY A 259 24.95 1.88 -14.62
N CYS A 260 24.75 0.97 -13.67
CA CYS A 260 23.44 0.34 -13.46
C CYS A 260 22.39 1.41 -13.18
N ASP A 261 22.67 2.27 -12.20
CA ASP A 261 21.67 3.24 -11.82
C ASP A 261 21.47 4.32 -12.89
N LEU A 262 22.52 4.79 -13.54
CA LEU A 262 22.35 5.73 -14.63
C LEU A 262 21.48 5.15 -15.74
N LEU A 263 21.72 3.90 -16.11
CA LEU A 263 20.92 3.25 -17.17
C LEU A 263 19.45 3.10 -16.71
N LYS A 264 19.25 2.64 -15.49
CA LYS A 264 17.91 2.47 -14.92
C LYS A 264 17.12 3.79 -14.94
N GLN A 265 17.75 4.85 -14.45
CA GLN A 265 17.05 6.11 -14.40
C GLN A 265 16.77 6.71 -15.77
N ALA A 266 17.65 6.51 -16.74
CA ALA A 266 17.41 6.96 -18.11
C ALA A 266 16.22 6.18 -18.74
N PHE A 267 16.17 4.88 -18.53
CA PHE A 267 15.04 4.08 -19.03
C PHE A 267 13.74 4.59 -18.41
N ALA A 268 13.77 4.74 -17.09
CA ALA A 268 12.61 5.16 -16.33
C ALA A 268 12.08 6.51 -16.81
N ARG A 269 12.97 7.49 -17.02
CA ARG A 269 12.53 8.80 -17.48
C ARG A 269 11.95 8.72 -18.90
N ALA A 270 12.69 8.08 -19.79
CA ALA A 270 12.26 8.01 -21.20
C ALA A 270 10.88 7.36 -21.31
N ALA A 271 10.67 6.32 -20.50
CA ALA A 271 9.38 5.59 -20.52
C ALA A 271 8.16 6.45 -20.22
N ILE A 272 8.36 7.59 -19.53
CA ILE A 272 7.27 8.48 -19.23
C ILE A 272 6.54 8.90 -20.52
N LEU A 273 7.30 9.06 -21.61
CA LEU A 273 6.74 9.51 -22.87
C LEU A 273 6.65 8.39 -23.92
N SER A 274 6.68 7.17 -23.44
CA SER A 274 6.39 6.00 -24.29
C SER A 274 4.90 5.78 -24.34
N ASN A 275 4.44 4.80 -25.13
CA ASN A 275 3.02 4.46 -25.11
C ASN A 275 2.62 3.85 -23.76
N GLU A 276 1.72 4.52 -23.05
CA GLU A 276 1.31 4.10 -21.69
C GLU A 276 0.78 2.68 -21.60
N LYS A 277 0.22 2.19 -22.70
CA LYS A 277 -0.40 0.88 -22.70
C LYS A 277 0.61 -0.20 -23.00
N PHE A 278 1.77 0.19 -23.54
CA PHE A 278 2.81 -0.77 -23.93
C PHE A 278 4.14 -0.02 -24.04
N ARG A 279 4.81 0.12 -22.89
CA ARG A 279 5.94 1.04 -22.78
C ARG A 279 7.23 0.43 -23.28
N GLY A 280 7.78 1.01 -24.33
CA GLY A 280 9.08 0.63 -24.85
C GLY A 280 9.93 1.84 -25.21
N VAL A 281 11.23 1.59 -25.32
CA VAL A 281 12.18 2.62 -25.74
C VAL A 281 13.09 2.10 -26.84
N ARG A 282 13.60 3.02 -27.64
CA ARG A 282 14.59 2.73 -28.67
C ARG A 282 15.98 3.06 -28.15
N LEU A 283 16.93 2.14 -28.35
CA LEU A 283 18.34 2.37 -27.98
C LEU A 283 19.15 2.50 -29.24
N TYR A 284 19.98 3.55 -29.32
CA TYR A 284 20.94 3.68 -30.40
C TYR A 284 22.31 3.64 -29.77
N VAL A 285 23.12 2.65 -30.18
CA VAL A 285 24.44 2.52 -29.66
C VAL A 285 25.41 2.92 -30.75
N SER A 286 26.38 3.71 -30.37
CA SER A 286 27.41 4.14 -31.26
C SER A 286 28.62 4.39 -30.40
N GLU A 287 29.67 4.91 -31.02
CA GLU A 287 30.93 5.09 -30.34
C GLU A 287 30.81 5.87 -29.04
N ASN A 288 31.10 5.19 -27.93
CA ASN A 288 31.13 5.79 -26.60
C ASN A 288 29.81 6.40 -26.09
N GLN A 289 28.69 6.16 -26.77
CA GLN A 289 27.43 6.79 -26.38
CA GLN A 289 27.43 6.77 -26.33
C GLN A 289 26.22 5.89 -26.57
N LEU A 290 25.25 6.06 -25.68
CA LEU A 290 23.97 5.38 -25.79
C LEU A 290 22.91 6.47 -25.82
N LYS A 291 22.01 6.39 -26.78
CA LYS A 291 20.87 7.29 -26.87
C LYS A 291 19.62 6.46 -26.71
N ILE A 292 18.75 6.88 -25.80
CA ILE A 292 17.50 6.19 -25.54
C ILE A 292 16.39 7.15 -25.91
N THR A 293 15.44 6.72 -26.74
CA THR A 293 14.34 7.59 -27.10
C THR A 293 13.00 6.92 -26.90
N ALA A 294 11.98 7.73 -26.70
CA ALA A 294 10.60 7.27 -26.56
C ALA A 294 9.66 8.27 -27.20
N ASN A 295 8.53 7.77 -27.71
CA ASN A 295 7.47 8.64 -28.17
C ASN A 295 6.11 7.98 -27.98
N ASN A 296 5.07 8.79 -28.06
CA ASN A 296 3.72 8.34 -27.77
C ASN A 296 2.73 8.86 -28.81
N PRO A 297 1.48 8.41 -28.75
CA PRO A 297 0.51 8.83 -29.78
C PRO A 297 0.22 10.34 -29.83
N GLU A 298 0.43 11.02 -28.71
CA GLU A 298 0.32 12.49 -28.66
C GLU A 298 1.52 13.20 -29.29
N GLN A 299 2.49 12.43 -29.82
CA GLN A 299 3.70 12.94 -30.49
C GLN A 299 4.65 13.61 -29.49
N GLU A 300 4.49 13.28 -28.21
CA GLU A 300 5.48 13.71 -27.21
C GLU A 300 6.71 12.83 -27.37
N GLU A 301 7.87 13.35 -26.96
CA GLU A 301 9.13 12.66 -27.19
C GLU A 301 10.09 12.83 -26.04
N ALA A 302 10.82 11.75 -25.73
CA ALA A 302 11.93 11.84 -24.76
C ALA A 302 13.22 11.39 -25.42
N GLU A 303 14.32 12.00 -24.98
CA GLU A 303 15.65 11.59 -25.42
C GLU A 303 16.61 11.64 -24.24
N GLU A 304 17.34 10.55 -24.04
CA GLU A 304 18.40 10.47 -23.03
C GLU A 304 19.71 10.10 -23.71
N ILE A 305 20.77 10.84 -23.41
CA ILE A 305 22.11 10.49 -23.89
C ILE A 305 22.97 10.12 -22.68
N LEU A 306 23.65 8.97 -22.77
CA LEU A 306 24.56 8.50 -21.70
C LEU A 306 25.93 8.29 -22.31
N ASP A 307 26.96 8.65 -21.56
CA ASP A 307 28.32 8.20 -21.83
C ASP A 307 28.45 6.75 -21.40
N VAL A 308 28.90 5.90 -22.31
CA VAL A 308 29.03 4.48 -22.05
C VAL A 308 30.33 3.93 -22.64
N THR A 309 30.67 2.73 -22.20
CA THR A 309 31.72 1.94 -22.80
C THR A 309 31.04 1.10 -23.86
N TYR A 310 31.45 1.26 -25.12
CA TYR A 310 30.85 0.48 -26.19
C TYR A 310 31.84 0.03 -27.26
N SER A 311 31.70 -1.21 -27.71
CA SER A 311 32.44 -1.73 -28.84
C SER A 311 31.48 -2.43 -29.74
N GLY A 312 31.68 -2.27 -31.04
CA GLY A 312 30.83 -2.90 -32.03
C GLY A 312 30.31 -1.90 -33.04
N ALA A 313 29.64 -2.43 -34.04
CA ALA A 313 29.01 -1.60 -35.06
C ALA A 313 27.86 -0.82 -34.43
N GLU A 314 27.58 0.34 -35.00
CA GLU A 314 26.39 1.08 -34.65
C GLU A 314 25.17 0.24 -34.90
N MET A 315 24.19 0.35 -34.01
CA MET A 315 22.91 -0.33 -34.20
CA MET A 315 22.93 -0.37 -34.15
C MET A 315 21.82 0.34 -33.38
N GLU A 316 20.59 0.12 -33.82
CA GLU A 316 19.41 0.55 -33.11
C GLU A 316 18.63 -0.70 -32.70
N ILE A 317 18.09 -0.68 -31.50
CA ILE A 317 17.33 -1.82 -30.99
C ILE A 317 16.34 -1.30 -29.94
N GLY A 318 15.14 -1.88 -29.93
CA GLY A 318 14.14 -1.52 -28.94
C GLY A 318 13.95 -2.53 -27.83
N PHE A 319 13.45 -2.04 -26.70
CA PHE A 319 13.18 -2.86 -25.52
C PHE A 319 11.93 -2.43 -24.77
N ASN A 320 11.23 -3.43 -24.27
CA ASN A 320 10.18 -3.25 -23.29
C ASN A 320 10.82 -2.75 -21.99
N VAL A 321 10.36 -1.58 -21.56
CA VAL A 321 10.91 -0.90 -20.37
C VAL A 321 10.88 -1.79 -19.15
N SER A 322 9.73 -2.42 -18.89
CA SER A 322 9.56 -3.22 -17.68
C SER A 322 10.57 -4.37 -17.63
N TYR A 323 10.83 -5.00 -18.77
CA TYR A 323 11.79 -6.13 -18.81
C TYR A 323 13.19 -5.68 -18.40
N VAL A 324 13.62 -4.53 -18.90
CA VAL A 324 14.95 -4.04 -18.59
C VAL A 324 15.02 -3.55 -17.16
N LEU A 325 14.01 -2.77 -16.75
CA LEU A 325 13.96 -2.30 -15.35
C LEU A 325 13.94 -3.47 -14.37
N ASP A 326 13.19 -4.52 -14.66
CA ASP A 326 13.20 -5.68 -13.76
C ASP A 326 14.61 -6.24 -13.57
N VAL A 327 15.39 -6.34 -14.65
CA VAL A 327 16.75 -6.86 -14.58
C VAL A 327 17.64 -5.91 -13.75
N LEU A 328 17.59 -4.62 -14.05
CA LEU A 328 18.49 -3.68 -13.37
C LEU A 328 18.17 -3.58 -11.90
N ASN A 329 16.89 -3.70 -11.56
CA ASN A 329 16.48 -3.74 -10.16
C ASN A 329 16.91 -5.00 -9.43
N ALA A 330 16.92 -6.12 -10.13
CA ALA A 330 17.42 -7.37 -9.57
C ALA A 330 18.95 -7.34 -9.35
N LEU A 331 19.68 -6.66 -10.24
CA LEU A 331 21.14 -6.65 -10.18
C LEU A 331 21.70 -5.79 -9.04
N LYS A 332 21.10 -4.63 -8.80
CA LYS A 332 21.55 -3.72 -7.73
C LYS A 332 23.07 -3.67 -7.64
N CYS A 333 23.72 -3.37 -8.75
CA CYS A 333 25.18 -3.37 -8.78
C CYS A 333 25.72 -2.04 -9.31
N GLU A 334 27.02 -1.95 -9.48
CA GLU A 334 27.62 -0.70 -9.91
C GLU A 334 27.55 -0.55 -11.42
N ASN A 335 28.03 -1.57 -12.13
CA ASN A 335 28.09 -1.57 -13.57
C ASN A 335 27.44 -2.79 -14.20
N VAL A 336 26.78 -2.56 -15.34
CA VAL A 336 26.09 -3.63 -16.06
CA VAL A 336 26.06 -3.61 -16.05
C VAL A 336 26.68 -3.80 -17.45
N ARG A 337 26.69 -5.03 -17.92
CA ARG A 337 27.18 -5.34 -19.24
C ARG A 337 25.99 -5.81 -20.05
N MET A 338 25.86 -5.28 -21.26
CA MET A 338 24.89 -5.80 -22.22
CA MET A 338 24.88 -5.77 -22.23
C MET A 338 25.64 -6.35 -23.41
N MET A 339 25.26 -7.55 -23.82
CA MET A 339 25.93 -8.22 -24.92
C MET A 339 24.92 -8.37 -26.05
N LEU A 340 25.20 -7.75 -27.19
CA LEU A 340 24.24 -7.68 -28.30
C LEU A 340 24.77 -8.33 -29.55
N THR A 341 23.85 -8.65 -30.45
CA THR A 341 24.16 -9.31 -31.69
C THR A 341 23.66 -8.48 -32.87
N ASP A 342 22.35 -8.28 -32.95
CA ASP A 342 21.72 -7.40 -33.93
C ASP A 342 20.35 -6.92 -33.44
N SER A 343 19.66 -6.14 -34.26
CA SER A 343 18.41 -5.52 -33.84
C SER A 343 17.24 -6.47 -33.57
N VAL A 344 17.29 -7.69 -34.11
CA VAL A 344 16.19 -8.64 -33.98
C VAL A 344 16.52 -9.82 -33.09
N SER A 345 17.65 -9.79 -32.39
CA SER A 345 18.08 -10.91 -31.57
C SER A 345 18.10 -10.50 -30.10
N SER A 346 17.96 -11.49 -29.23
CA SER A 346 17.99 -11.23 -27.79
C SER A 346 19.34 -10.68 -27.36
N VAL A 347 19.31 -10.00 -26.22
CA VAL A 347 20.50 -9.48 -25.58
C VAL A 347 20.67 -10.13 -24.24
N GLN A 348 21.93 -10.26 -23.82
CA GLN A 348 22.28 -10.76 -22.49
C GLN A 348 22.71 -9.60 -21.62
N ILE A 349 22.23 -9.58 -20.38
CA ILE A 349 22.54 -8.52 -19.42
C ILE A 349 23.10 -9.18 -18.16
N GLU A 350 24.20 -8.65 -17.65
CA GLU A 350 24.82 -9.18 -16.43
C GLU A 350 25.46 -8.04 -15.66
N ASP A 351 25.65 -8.27 -14.36
CA ASP A 351 26.51 -7.44 -13.53
C ASP A 351 27.93 -7.60 -14.05
N ALA A 352 28.63 -6.49 -14.26
CA ALA A 352 30.03 -6.55 -14.71
C ALA A 352 30.95 -7.28 -13.73
N ALA A 353 30.58 -7.29 -12.46
CA ALA A 353 31.42 -7.83 -11.39
C ALA A 353 30.93 -9.15 -10.81
N SER A 354 30.00 -9.82 -11.48
CA SER A 354 29.50 -11.09 -10.99
C SER A 354 28.96 -11.90 -12.14
N GLN A 355 29.38 -13.16 -12.24
CA GLN A 355 28.86 -14.09 -13.24
C GLN A 355 27.95 -15.16 -12.62
N SER A 356 27.35 -14.83 -11.48
CA SER A 356 26.43 -15.76 -10.80
C SER A 356 25.05 -15.80 -11.45
N ALA A 357 24.63 -14.66 -12.00
CA ALA A 357 23.33 -14.55 -12.68
C ALA A 357 23.46 -13.97 -14.09
N ALA A 358 22.57 -14.39 -14.99
CA ALA A 358 22.49 -13.80 -16.34
C ALA A 358 21.04 -13.65 -16.74
N TYR A 359 20.79 -12.65 -17.58
CA TYR A 359 19.44 -12.28 -18.03
C TYR A 359 19.44 -12.16 -19.55
N VAL A 360 18.38 -12.69 -20.16
CA VAL A 360 18.21 -12.59 -21.61
C VAL A 360 16.89 -11.86 -21.86
N VAL A 361 16.92 -10.86 -22.73
CA VAL A 361 15.70 -10.11 -23.06
C VAL A 361 15.58 -10.03 -24.56
N MET A 362 14.41 -10.40 -25.08
CA MET A 362 14.14 -10.25 -26.51
C MET A 362 13.83 -8.78 -26.79
N PRO A 363 14.26 -8.27 -27.95
CA PRO A 363 13.95 -6.88 -28.28
C PRO A 363 12.48 -6.70 -28.68
N MET A 364 12.06 -5.44 -28.70
CA MET A 364 10.71 -5.01 -29.00
C MET A 364 10.76 -4.13 -30.24
N ARG A 365 9.84 -4.31 -31.17
CA ARG A 365 9.83 -3.47 -32.37
C ARG A 365 9.02 -2.21 -32.09
N LEU A 366 9.59 -1.04 -32.42
CA LEU A 366 8.93 0.25 -32.19
C LEU A 366 8.96 1.11 -33.47
N MET B 1 7.74 31.99 -22.86
CA MET B 1 7.88 31.52 -21.46
C MET B 1 9.11 30.66 -21.36
N LYS B 2 10.03 31.04 -20.48
CA LYS B 2 11.26 30.28 -20.23
C LYS B 2 11.58 30.35 -18.76
N PHE B 3 12.05 29.25 -18.18
CA PHE B 3 12.62 29.31 -16.83
C PHE B 3 13.60 28.16 -16.64
N THR B 4 14.52 28.29 -15.70
CA THR B 4 15.32 27.17 -15.25
C THR B 4 15.21 27.14 -13.75
N VAL B 5 14.92 25.97 -13.19
CA VAL B 5 14.73 25.82 -11.74
CA VAL B 5 14.74 25.82 -11.73
C VAL B 5 15.36 24.52 -11.25
N GLU B 6 15.97 24.57 -10.07
CA GLU B 6 16.53 23.39 -9.43
C GLU B 6 15.40 22.39 -9.14
N ARG B 7 15.69 21.12 -9.35
CA ARG B 7 14.71 20.04 -9.22
C ARG B 7 13.90 20.09 -7.94
N GLU B 8 14.59 20.21 -6.80
CA GLU B 8 13.89 20.13 -5.52
C GLU B 8 13.04 21.36 -5.18
N HIS B 9 13.30 22.50 -5.83
CA HIS B 9 12.44 23.65 -5.63
CA HIS B 9 12.52 23.72 -5.72
C HIS B 9 11.18 23.57 -6.46
N LEU B 10 11.17 22.72 -7.47
CA LEU B 10 9.99 22.51 -8.28
C LEU B 10 9.16 21.30 -7.81
N LEU B 11 9.81 20.31 -7.23
CA LEU B 11 9.16 19.01 -6.96
C LEU B 11 7.97 19.01 -5.97
N LYS B 12 8.11 19.58 -4.78
CA LYS B 12 6.97 19.63 -3.84
C LYS B 12 5.81 20.52 -4.32
N PRO B 13 6.10 21.67 -4.96
CA PRO B 13 4.99 22.40 -5.55
C PRO B 13 4.21 21.59 -6.59
N LEU B 14 4.91 20.88 -7.48
CA LEU B 14 4.20 20.07 -8.46
C LEU B 14 3.32 19.01 -7.80
N GLN B 15 3.83 18.40 -6.74
CA GLN B 15 3.09 17.38 -6.01
C GLN B 15 1.83 17.98 -5.38
N GLN B 16 1.98 19.12 -4.72
CA GLN B 16 0.84 19.82 -4.11
C GLN B 16 -0.25 20.24 -5.10
N VAL B 17 0.13 20.85 -6.22
CA VAL B 17 -0.87 21.38 -7.15
C VAL B 17 -1.56 20.30 -7.98
N SER B 18 -0.95 19.12 -8.01
CA SER B 18 -1.55 17.98 -8.66
C SER B 18 -2.62 17.32 -7.77
N GLY B 19 -2.67 17.67 -6.49
CA GLY B 19 -3.66 17.14 -5.56
C GLY B 19 -5.08 16.98 -6.10
N PRO B 20 -5.69 18.08 -6.61
CA PRO B 20 -7.06 18.05 -7.16
C PRO B 20 -7.30 17.14 -8.36
N LEU B 21 -6.24 16.63 -8.99
CA LEU B 21 -6.36 15.83 -10.22
C LEU B 21 -6.57 14.35 -9.96
N GLY B 23 -6.46 10.29 -11.61
CA GLY B 23 -5.99 9.17 -12.42
C GLY B 23 -6.42 9.28 -13.88
N ARG B 24 -7.73 9.41 -14.06
CA ARG B 24 -8.32 9.53 -15.40
C ARG B 24 -9.06 10.86 -15.52
N PRO B 25 -8.39 11.90 -16.05
CA PRO B 25 -9.08 13.19 -16.17
C PRO B 25 -10.25 13.06 -17.12
N THR B 26 -11.36 13.69 -16.76
CA THR B 26 -12.58 13.65 -17.56
CA THR B 26 -12.57 13.61 -17.57
C THR B 26 -12.36 14.26 -18.94
N LEU B 27 -11.65 15.39 -18.98
CA LEU B 27 -11.24 15.99 -20.26
C LEU B 27 -9.78 16.39 -20.16
N PRO B 28 -9.08 16.44 -21.29
CA PRO B 28 -7.62 16.53 -21.15
C PRO B 28 -7.07 17.73 -20.38
N ILE B 29 -7.63 18.92 -20.59
CA ILE B 29 -7.09 20.11 -19.91
C ILE B 29 -7.17 19.98 -18.39
N LEU B 30 -8.11 19.19 -17.88
CA LEU B 30 -8.24 18.99 -16.42
C LEU B 30 -7.14 18.09 -15.86
N GLY B 31 -6.41 17.39 -16.74
CA GLY B 31 -5.20 16.66 -16.36
C GLY B 31 -3.91 17.47 -16.53
N ASN B 32 -4.04 18.75 -16.88
CA ASN B 32 -2.91 19.65 -17.06
C ASN B 32 -2.73 20.58 -15.87
N LEU B 33 -1.52 21.08 -15.71
CA LEU B 33 -1.27 22.20 -14.83
C LEU B 33 -1.08 23.45 -15.66
N LEU B 34 -1.51 24.56 -15.11
CA LEU B 34 -1.25 25.87 -15.64
C LEU B 34 0.09 26.35 -15.07
N LEU B 35 1.02 26.68 -15.97
CA LEU B 35 2.30 27.30 -15.64
C LEU B 35 2.31 28.78 -16.04
N GLN B 36 2.68 29.66 -15.12
CA GLN B 36 2.73 31.10 -15.44
C GLN B 36 4.02 31.67 -14.90
N VAL B 37 4.79 32.31 -15.78
CA VAL B 37 5.93 33.09 -15.35
C VAL B 37 5.54 34.56 -15.42
N ALA B 38 5.64 35.24 -14.29
CA ALA B 38 5.39 36.68 -14.26
C ALA B 38 6.03 37.25 -13.01
N ASP B 39 6.57 38.47 -13.12
CA ASP B 39 7.25 39.14 -11.98
C ASP B 39 8.10 38.23 -11.09
N GLY B 40 9.07 37.56 -11.69
CA GLY B 40 10.04 36.77 -10.93
C GLY B 40 9.49 35.52 -10.26
N THR B 41 8.30 35.10 -10.67
CA THR B 41 7.65 33.97 -10.03
C THR B 41 7.07 33.02 -11.04
N LEU B 42 7.28 31.73 -10.79
CA LEU B 42 6.56 30.68 -11.54
C LEU B 42 5.36 30.29 -10.68
N SER B 43 4.17 30.40 -11.25
CA SER B 43 2.97 29.96 -10.56
C SER B 43 2.50 28.69 -11.24
N LEU B 44 2.09 27.73 -10.42
CA LEU B 44 1.58 26.45 -10.87
C LEU B 44 0.18 26.27 -10.32
N THR B 45 -0.76 25.84 -11.16
CA THR B 45 -2.15 25.68 -10.73
C THR B 45 -2.73 24.38 -11.23
N GLY B 46 -3.40 23.66 -10.35
CA GLY B 46 -4.18 22.48 -10.73
C GLY B 46 -5.61 22.64 -10.29
N THR B 47 -6.57 22.11 -11.04
CA THR B 47 -7.98 22.26 -10.68
C THR B 47 -8.81 21.07 -11.10
N ASP B 48 -9.93 20.90 -10.42
CA ASP B 48 -10.95 19.94 -10.86
C ASP B 48 -12.28 20.60 -11.19
N LEU B 49 -12.28 21.93 -11.30
CA LEU B 49 -13.46 22.76 -11.55
C LEU B 49 -14.22 23.11 -10.28
N GLU B 50 -13.97 22.38 -9.20
CA GLU B 50 -14.60 22.71 -7.91
C GLU B 50 -13.60 23.42 -6.99
N MET B 51 -12.34 23.05 -7.12
CA MET B 51 -11.30 23.67 -6.30
C MET B 51 -10.04 23.80 -7.11
N GLU B 52 -9.13 24.63 -6.61
CA GLU B 52 -7.82 24.78 -7.24
CA GLU B 52 -7.83 24.88 -7.24
C GLU B 52 -6.74 24.88 -6.19
N MET B 53 -5.55 24.43 -6.54
CA MET B 53 -4.38 24.58 -5.69
C MET B 53 -3.34 25.33 -6.51
N VAL B 54 -2.75 26.37 -5.91
CA VAL B 54 -1.77 27.22 -6.58
C VAL B 54 -0.50 27.21 -5.74
N ALA B 55 0.65 27.08 -6.42
CA ALA B 55 1.95 27.20 -5.77
C ALA B 55 2.76 28.32 -6.44
N ARG B 56 3.43 29.15 -5.64
CA ARG B 56 4.30 30.19 -6.17
C ARG B 56 5.73 29.74 -5.91
N VAL B 57 6.54 29.77 -6.96
CA VAL B 57 7.91 29.31 -6.89
C VAL B 57 8.79 30.48 -7.34
N ALA B 58 9.67 30.93 -6.47
CA ALA B 58 10.52 32.04 -6.84
C ALA B 58 11.59 31.59 -7.86
N LEU B 59 11.87 32.48 -8.81
CA LEU B 59 12.84 32.22 -9.86
C LEU B 59 14.09 33.06 -9.66
N VAL B 60 15.19 32.38 -9.31
CA VAL B 60 16.50 33.04 -9.13
C VAL B 60 17.40 33.01 -10.38
N GLN B 61 17.03 32.17 -11.35
CA GLN B 61 17.79 32.02 -12.58
C GLN B 61 17.07 32.81 -13.66
N PRO B 62 17.77 33.15 -14.76
CA PRO B 62 17.11 33.90 -15.85
C PRO B 62 15.81 33.28 -16.33
N HIS B 63 14.84 34.13 -16.65
CA HIS B 63 13.52 33.68 -17.09
C HIS B 63 12.86 34.68 -17.99
N GLU B 64 11.86 34.19 -18.72
CA GLU B 64 11.06 35.02 -19.59
CA GLU B 64 11.06 35.00 -19.60
C GLU B 64 9.58 34.74 -19.31
N PRO B 65 8.76 35.79 -19.29
CA PRO B 65 7.36 35.60 -18.94
C PRO B 65 6.53 34.85 -19.97
N GLY B 66 5.41 34.34 -19.51
CA GLY B 66 4.43 33.67 -20.37
C GLY B 66 3.71 32.57 -19.63
N ALA B 67 2.80 31.90 -20.33
CA ALA B 67 1.97 30.88 -19.71
C ALA B 67 1.54 29.81 -20.69
N THR B 68 1.39 28.60 -20.17
CA THR B 68 0.89 27.46 -20.94
C THR B 68 0.32 26.44 -19.97
N THR B 69 -0.24 25.37 -20.50
CA THR B 69 -0.64 24.23 -19.68
C THR B 69 -0.03 22.96 -20.23
N VAL B 70 0.35 22.04 -19.34
CA VAL B 70 1.02 20.78 -19.71
C VAL B 70 0.55 19.64 -18.82
N PRO B 71 0.65 18.40 -19.31
CA PRO B 71 0.17 17.26 -18.53
C PRO B 71 0.88 17.15 -17.18
N ALA B 72 0.09 17.12 -16.12
CA ALA B 72 0.62 17.21 -14.76
C ALA B 72 1.44 16.00 -14.35
N ARG B 73 0.86 14.81 -14.52
CA ARG B 73 1.54 13.56 -14.16
C ARG B 73 2.88 13.41 -14.92
N LYS B 74 2.87 13.63 -16.23
CA LYS B 74 4.07 13.49 -17.04
C LYS B 74 5.13 14.49 -16.59
N PHE B 75 4.72 15.74 -16.37
CA PHE B 75 5.68 16.77 -15.96
C PHE B 75 6.25 16.44 -14.58
N PHE B 76 5.38 16.08 -13.65
CA PHE B 76 5.85 15.69 -12.32
C PHE B 76 6.81 14.50 -12.39
N ASP B 77 6.42 13.44 -13.10
CA ASP B 77 7.28 12.27 -13.19
C ASP B 77 8.66 12.58 -13.80
N ILE B 78 8.70 13.45 -14.81
CA ILE B 78 9.97 13.86 -15.42
C ILE B 78 10.85 14.52 -14.37
N CYS B 79 10.29 15.50 -13.67
CA CYS B 79 11.04 16.23 -12.65
C CYS B 79 11.48 15.28 -11.54
N ARG B 80 10.59 14.42 -11.06
CA ARG B 80 10.94 13.44 -10.01
C ARG B 80 12.06 12.50 -10.45
N GLY B 81 12.04 12.10 -11.73
CA GLY B 81 12.97 11.11 -12.23
C GLY B 81 14.36 11.63 -12.51
N LEU B 82 14.52 12.94 -12.60
CA LEU B 82 15.84 13.51 -12.81
C LEU B 82 16.65 13.38 -11.51
N PRO B 83 17.98 13.39 -11.65
CA PRO B 83 18.82 13.16 -10.46
C PRO B 83 18.78 14.32 -9.50
N GLU B 84 19.12 14.04 -8.24
CA GLU B 84 19.08 15.05 -7.20
C GLU B 84 19.90 16.28 -7.62
N GLY B 85 19.28 17.44 -7.49
CA GLY B 85 19.97 18.70 -7.75
C GLY B 85 19.94 19.11 -9.20
N ALA B 86 19.28 18.33 -10.06
CA ALA B 86 19.20 18.64 -11.47
C ALA B 86 18.63 20.04 -11.73
N GLU B 87 19.23 20.71 -12.71
CA GLU B 87 18.74 22.00 -13.17
C GLU B 87 17.77 21.74 -14.30
N ILE B 88 16.54 22.19 -14.13
CA ILE B 88 15.46 21.86 -15.07
C ILE B 88 15.10 23.11 -15.85
N ALA B 89 15.45 23.09 -17.14
CA ALA B 89 15.22 24.19 -18.04
C ALA B 89 13.97 23.92 -18.86
N VAL B 90 13.12 24.94 -18.97
CA VAL B 90 11.84 24.80 -19.66
C VAL B 90 11.64 25.92 -20.66
N GLN B 91 11.12 25.61 -21.85
CA GLN B 91 10.84 26.64 -22.85
C GLN B 91 9.56 26.28 -23.60
N LEU B 92 8.62 27.21 -23.62
CA LEU B 92 7.37 27.08 -24.40
C LEU B 92 7.62 27.29 -25.88
N GLU B 93 7.13 26.34 -26.70
CA GLU B 93 7.28 26.38 -28.16
C GLU B 93 5.95 26.07 -28.82
N GLY B 94 5.01 26.97 -28.65
CA GLY B 94 3.65 26.80 -29.21
C GLY B 94 2.91 25.60 -28.65
N GLU B 95 2.59 24.63 -29.51
CA GLU B 95 1.90 23.38 -29.15
C GLU B 95 2.75 22.38 -28.35
N ARG B 96 4.01 22.70 -28.07
CA ARG B 96 4.89 21.86 -27.26
C ARG B 96 5.58 22.69 -26.23
N MET B 97 5.87 22.07 -25.09
CA MET B 97 6.78 22.66 -24.11
C MET B 97 8.01 21.77 -23.98
N LEU B 98 9.19 22.35 -24.14
CA LEU B 98 10.43 21.57 -24.08
C LEU B 98 10.99 21.62 -22.68
N VAL B 99 11.47 20.48 -22.20
CA VAL B 99 12.12 20.37 -20.90
C VAL B 99 13.50 19.75 -21.08
N ARG B 100 14.52 20.38 -20.50
CA ARG B 100 15.89 19.90 -20.70
C ARG B 100 16.61 19.95 -19.39
N SER B 101 17.35 18.89 -19.10
CA SER B 101 18.20 18.87 -17.92
C SER B 101 19.37 17.98 -18.25
N GLY B 102 20.59 18.46 -18.09
CA GLY B 102 21.75 17.71 -18.56
C GLY B 102 21.58 17.30 -20.02
N ARG B 103 21.67 16.00 -20.31
CA ARG B 103 21.41 15.46 -21.65
C ARG B 103 20.13 14.67 -21.68
N SER B 104 19.17 15.10 -20.87
CA SER B 104 17.80 14.58 -20.90
C SER B 104 16.88 15.63 -21.52
N ARG B 105 16.11 15.23 -22.53
CA ARG B 105 15.22 16.16 -23.25
C ARG B 105 13.83 15.58 -23.37
N PHE B 106 12.81 16.42 -23.17
CA PHE B 106 11.41 15.98 -23.22
C PHE B 106 10.59 17.03 -23.92
N SER B 107 9.62 16.57 -24.70
CA SER B 107 8.67 17.49 -25.34
CA SER B 107 8.68 17.45 -25.38
C SER B 107 7.26 17.07 -24.92
N LEU B 108 6.55 18.00 -24.30
CA LEU B 108 5.20 17.78 -23.81
C LEU B 108 4.20 18.57 -24.63
N SER B 109 3.05 17.97 -24.92
CA SER B 109 1.97 18.65 -25.66
C SER B 109 1.27 19.66 -24.77
N THR B 110 1.00 20.84 -25.29
CA THR B 110 0.37 21.90 -24.53
C THR B 110 -1.07 22.17 -24.94
N LEU B 111 -1.83 22.76 -24.01
CA LEU B 111 -3.10 23.40 -24.32
C LEU B 111 -3.02 24.83 -23.81
N PRO B 112 -3.69 25.77 -24.49
CA PRO B 112 -3.50 27.18 -24.13
C PRO B 112 -3.86 27.56 -22.70
N ALA B 113 -3.03 28.39 -22.09
CA ALA B 113 -3.35 28.94 -20.79
C ALA B 113 -4.72 29.63 -20.81
N ALA B 114 -5.07 30.26 -21.92
CA ALA B 114 -6.36 30.95 -22.03
C ALA B 114 -7.56 30.01 -21.95
N ASP B 115 -7.35 28.71 -22.15
CA ASP B 115 -8.41 27.72 -22.05
C ASP B 115 -8.48 27.03 -20.69
N PHE B 116 -7.55 27.34 -19.80
CA PHE B 116 -7.49 26.69 -18.51
C PHE B 116 -8.63 27.21 -17.66
N PRO B 117 -9.41 26.32 -17.05
CA PRO B 117 -10.53 26.86 -16.29
C PRO B 117 -10.04 27.70 -15.08
N ASN B 118 -10.80 28.72 -14.75
CA ASN B 118 -10.36 29.74 -13.82
C ASN B 118 -11.50 29.99 -12.83
N LEU B 119 -11.36 29.58 -11.57
CA LEU B 119 -12.40 29.87 -10.59
C LEU B 119 -12.61 31.37 -10.55
N ASP B 120 -13.86 31.79 -10.51
CA ASP B 120 -14.20 33.21 -10.42
C ASP B 120 -13.65 33.89 -9.20
N ASP B 121 -13.36 35.19 -9.36
CA ASP B 121 -13.08 36.07 -8.24
C ASP B 121 -14.30 36.09 -7.32
N TRP B 122 -14.05 36.30 -6.04
CA TRP B 122 -15.13 36.32 -5.06
C TRP B 122 -14.64 37.17 -3.92
N GLN B 123 -15.54 37.47 -3.01
CA GLN B 123 -15.23 38.39 -1.91
C GLN B 123 -15.24 37.66 -0.60
N SER B 124 -14.20 37.86 0.20
CA SER B 124 -14.14 37.32 1.54
CA SER B 124 -14.14 37.31 1.54
C SER B 124 -15.07 38.10 2.47
N GLU B 125 -15.76 37.38 3.34
CA GLU B 125 -16.60 37.98 4.37
C GLU B 125 -16.07 37.73 5.77
N VAL B 126 -15.19 36.74 5.95
CA VAL B 126 -14.49 36.58 7.22
C VAL B 126 -13.08 36.12 6.93
N GLU B 127 -12.15 36.57 7.74
CA GLU B 127 -10.74 36.24 7.59
C GLU B 127 -10.11 36.07 8.94
N PHE B 128 -9.26 35.06 9.06
CA PHE B 128 -8.59 34.81 10.31
C PHE B 128 -7.35 33.96 10.09
N THR B 129 -6.51 33.96 11.09
CA THR B 129 -5.29 33.17 11.07
CA THR B 129 -5.29 33.18 11.09
C THR B 129 -5.37 32.17 12.22
N LEU B 130 -4.77 31.00 12.01
CA LEU B 130 -4.71 30.00 13.07
C LEU B 130 -3.51 29.09 12.83
N PRO B 131 -3.01 28.45 13.89
CA PRO B 131 -1.90 27.52 13.71
C PRO B 131 -2.27 26.36 12.79
N GLN B 132 -1.30 25.89 12.02
CA GLN B 132 -1.51 24.68 11.20
C GLN B 132 -2.00 23.51 12.03
N ALA B 133 -1.43 23.35 13.22
CA ALA B 133 -1.81 22.26 14.12
C ALA B 133 -3.31 22.27 14.47
N THR B 134 -3.91 23.45 14.58
CA THR B 134 -5.31 23.59 14.95
C THR B 134 -6.22 23.11 13.83
N MET B 135 -5.95 23.56 12.62
CA MET B 135 -6.68 23.08 11.45
C MET B 135 -6.54 21.57 11.27
N LYS B 136 -5.34 21.03 11.50
CA LYS B 136 -5.08 19.59 11.43
C LYS B 136 -5.94 18.81 12.44
N ARG B 137 -5.91 19.27 13.69
CA ARG B 137 -6.76 18.73 14.77
C ARG B 137 -8.24 18.77 14.36
N LEU B 138 -8.72 19.93 13.92
CA LEU B 138 -10.13 20.07 13.54
C LEU B 138 -10.58 19.09 12.46
N ILE B 139 -9.76 18.91 11.43
CA ILE B 139 -10.11 18.02 10.34
C ILE B 139 -9.94 16.54 10.73
N GLU B 140 -8.82 16.19 11.36
CA GLU B 140 -8.59 14.79 11.76
C GLU B 140 -9.61 14.30 12.78
N ALA B 141 -10.13 15.22 13.58
CA ALA B 141 -11.11 14.86 14.61
C ALA B 141 -12.44 14.43 13.99
N THR B 142 -12.72 14.86 12.76
CA THR B 142 -14.08 14.73 12.22
C THR B 142 -14.19 14.11 10.84
N GLN B 143 -13.12 14.10 10.06
CA GLN B 143 -13.18 13.72 8.65
C GLN B 143 -13.75 12.34 8.41
N PHE B 144 -13.44 11.40 9.29
CA PHE B 144 -13.91 10.03 9.10
C PHE B 144 -15.45 9.88 9.16
N SER B 145 -16.15 10.89 9.68
CA SER B 145 -17.62 10.81 9.81
C SER B 145 -18.36 11.41 8.62
N MET B 146 -17.63 11.92 7.63
CA MET B 146 -18.26 12.43 6.42
C MET B 146 -18.85 11.25 5.68
N ALA B 147 -19.97 11.47 5.00
CA ALA B 147 -20.51 10.46 4.11
C ALA B 147 -19.59 10.30 2.91
N HIS B 148 -19.73 9.17 2.22
CA HIS B 148 -19.06 8.94 0.94
C HIS B 148 -20.11 8.62 -0.14
N GLN B 149 -20.19 9.49 -1.13
CA GLN B 149 -21.10 9.35 -2.27
C GLN B 149 -22.56 9.12 -1.86
N ASP B 150 -22.99 9.78 -0.79
CA ASP B 150 -24.39 9.72 -0.38
C ASP B 150 -25.20 10.61 -1.33
N VAL B 151 -26.39 10.16 -1.70
CA VAL B 151 -27.28 10.96 -2.54
C VAL B 151 -27.60 12.30 -1.83
N ARG B 152 -27.60 12.30 -0.50
CA ARG B 152 -27.68 13.55 0.24
C ARG B 152 -26.32 14.26 0.15
N TYR B 153 -26.16 15.09 -0.88
CA TYR B 153 -24.81 15.59 -1.24
C TYR B 153 -24.12 16.38 -0.14
N TYR B 154 -24.92 17.12 0.63
CA TYR B 154 -24.39 17.96 1.71
C TYR B 154 -23.59 17.15 2.75
N LEU B 155 -23.95 15.87 2.93
CA LEU B 155 -23.23 15.01 3.88
C LEU B 155 -21.86 14.56 3.38
N ASN B 156 -21.64 14.65 2.07
CA ASN B 156 -20.34 14.35 1.48
C ASN B 156 -19.45 15.58 1.53
N GLY B 157 -19.34 16.17 2.69
CA GLY B 157 -18.58 17.38 2.86
C GLY B 157 -18.45 17.58 4.35
N MET B 158 -17.75 18.64 4.74
CA MET B 158 -17.53 18.94 6.15
C MET B 158 -17.97 20.36 6.44
N LEU B 159 -18.77 20.52 7.49
CA LEU B 159 -19.23 21.83 7.93
C LEU B 159 -18.10 22.53 8.66
N PHE B 160 -17.81 23.78 8.26
CA PHE B 160 -16.89 24.66 8.96
C PHE B 160 -17.73 25.81 9.48
N GLU B 161 -17.65 26.03 10.79
CA GLU B 161 -18.48 27.01 11.44
C GLU B 161 -17.62 27.93 12.30
N THR B 162 -17.80 29.23 12.11
CA THR B 162 -17.13 30.20 12.94
C THR B 162 -18.18 30.82 13.86
N GLU B 163 -17.83 31.03 15.12
CA GLU B 163 -18.75 31.59 16.09
C GLU B 163 -17.96 32.10 17.28
N GLY B 164 -17.96 33.42 17.48
CA GLY B 164 -17.18 34.01 18.55
C GLY B 164 -15.72 33.69 18.36
N GLU B 165 -15.08 33.20 19.42
CA GLU B 165 -13.67 32.88 19.37
C GLU B 165 -13.42 31.41 19.05
N GLU B 166 -14.35 30.77 18.34
CA GLU B 166 -14.24 29.35 18.01
C GLU B 166 -14.38 29.06 16.52
N LEU B 167 -13.57 28.12 16.04
CA LEU B 167 -13.77 27.50 14.75
C LEU B 167 -14.18 26.05 15.03
N ARG B 168 -15.18 25.58 14.30
CA ARG B 168 -15.76 24.27 14.55
C ARG B 168 -15.91 23.51 13.25
N THR B 169 -15.63 22.22 13.29
CA THR B 169 -15.94 21.33 12.18
C THR B 169 -16.98 20.31 12.63
N VAL B 170 -17.84 19.93 11.70
CA VAL B 170 -18.85 18.92 11.95
C VAL B 170 -18.94 18.04 10.72
N ALA B 171 -19.04 16.72 10.92
CA ALA B 171 -19.25 15.80 9.82
C ALA B 171 -20.18 14.70 10.29
N THR B 172 -21.02 14.24 9.38
CA THR B 172 -21.97 13.18 9.66
C THR B 172 -22.40 12.49 8.38
N ASP B 173 -22.74 11.22 8.51
CA ASP B 173 -23.26 10.48 7.39
C ASP B 173 -24.69 10.00 7.69
N GLY B 174 -25.34 10.61 8.69
CA GLY B 174 -26.71 10.26 9.09
C GLY B 174 -26.83 9.12 10.09
N HIS B 175 -25.74 8.40 10.31
CA HIS B 175 -25.67 7.28 11.26
C HIS B 175 -24.79 7.64 12.44
N ARG B 176 -23.70 8.34 12.16
CA ARG B 176 -22.80 8.81 13.19
C ARG B 176 -22.36 10.24 12.86
N LEU B 177 -22.02 10.97 13.90
CA LEU B 177 -21.66 12.38 13.78
C LEU B 177 -20.40 12.65 14.60
N ALA B 178 -19.57 13.56 14.09
CA ALA B 178 -18.40 14.06 14.82
C ALA B 178 -18.43 15.58 14.81
N VAL B 179 -18.06 16.17 15.94
CA VAL B 179 -17.97 17.62 16.05
C VAL B 179 -16.74 18.01 16.85
N CYS B 180 -15.99 18.99 16.35
CA CYS B 180 -14.81 19.46 17.06
C CYS B 180 -14.75 21.00 17.05
N SER B 181 -14.40 21.59 18.19
CA SER B 181 -14.34 23.04 18.33
C SER B 181 -13.01 23.42 18.95
N MET B 182 -12.36 24.43 18.37
CA MET B 182 -11.07 24.91 18.84
C MET B 182 -11.07 26.44 18.92
N PRO B 183 -10.41 27.00 19.95
CA PRO B 183 -10.36 28.46 20.07
C PRO B 183 -9.37 29.08 19.10
N ILE B 184 -9.64 30.28 18.58
CA ILE B 184 -8.66 30.94 17.69
C ILE B 184 -8.10 32.27 18.20
N GLY B 185 -8.69 32.84 19.25
CA GLY B 185 -8.12 34.04 19.86
C GLY B 185 -8.46 35.35 19.16
N GLN B 186 -9.34 35.31 18.17
CA GLN B 186 -10.01 36.52 17.68
C GLN B 186 -11.49 36.24 17.50
N SER B 187 -12.30 37.27 17.68
CA SER B 187 -13.75 37.13 17.60
C SER B 187 -14.18 37.11 16.14
N LEU B 188 -14.96 36.10 15.78
CA LEU B 188 -15.38 35.91 14.40
C LEU B 188 -16.89 36.09 14.25
N PRO B 189 -17.32 36.64 13.10
CA PRO B 189 -18.75 36.66 12.78
C PRO B 189 -19.26 35.24 12.58
N SER B 190 -20.57 35.09 12.74
CA SER B 190 -21.22 33.80 12.55
C SER B 190 -21.28 33.40 11.08
N HIS B 191 -20.58 32.32 10.75
CA HIS B 191 -20.60 31.77 9.39
C HIS B 191 -20.62 30.25 9.48
N SER B 192 -21.33 29.63 8.56
CA SER B 192 -21.44 28.18 8.50
C SER B 192 -21.42 27.74 7.03
N VAL B 193 -20.38 26.99 6.64
CA VAL B 193 -20.16 26.62 5.24
C VAL B 193 -19.78 25.15 5.11
N ILE B 194 -20.15 24.53 3.99
CA ILE B 194 -19.82 23.13 3.75
C ILE B 194 -18.70 23.06 2.73
N VAL B 195 -17.58 22.46 3.13
CA VAL B 195 -16.45 22.25 2.25
C VAL B 195 -16.58 20.86 1.63
N PRO B 196 -16.44 20.75 0.30
CA PRO B 196 -16.57 19.43 -0.33
C PRO B 196 -15.48 18.44 0.07
N ARG B 197 -15.81 17.15 -0.02
CA ARG B 197 -14.91 16.03 0.34
CA ARG B 197 -14.91 16.04 0.36
C ARG B 197 -13.43 16.23 -0.03
N LYS B 198 -13.16 16.42 -1.32
CA LYS B 198 -11.79 16.58 -1.80
C LYS B 198 -11.10 17.81 -1.29
N GLY B 199 -11.88 18.86 -1.00
CA GLY B 199 -11.36 20.08 -0.44
C GLY B 199 -10.81 19.88 0.95
N VAL B 200 -11.51 19.09 1.75
CA VAL B 200 -11.05 18.78 3.09
C VAL B 200 -9.73 18.04 3.01
N ILE B 201 -9.65 17.07 2.09
CA ILE B 201 -8.40 16.34 1.84
C ILE B 201 -7.27 17.27 1.44
N GLU B 202 -7.56 18.23 0.56
CA GLU B 202 -6.53 19.19 0.10
C GLU B 202 -6.03 20.11 1.20
N LEU B 203 -6.95 20.63 2.02
CA LEU B 203 -6.58 21.44 3.17
C LEU B 203 -5.64 20.66 4.06
N MET B 204 -5.99 19.41 4.28
CA MET B 204 -5.21 18.55 5.16
C MET B 204 -3.81 18.33 4.58
N ARG B 205 -3.75 18.03 3.28
CA ARG B 205 -2.49 17.78 2.57
C ARG B 205 -1.53 18.96 2.51
N MET B 206 -2.05 20.18 2.63
CA MET B 206 -1.20 21.34 2.47
C MET B 206 -0.54 21.78 3.79
N LEU B 207 -0.86 21.09 4.88
CA LEU B 207 -0.25 21.40 6.17
C LEU B 207 1.09 20.68 6.28
N ASP B 208 2.17 21.45 6.28
CA ASP B 208 3.53 20.90 6.25
C ASP B 208 4.02 20.42 7.63
N GLY B 209 3.43 20.95 8.70
CA GLY B 209 3.83 20.59 10.06
C GLY B 209 4.99 21.43 10.56
N GLY B 210 5.19 22.61 9.95
CA GLY B 210 6.16 23.59 10.42
C GLY B 210 5.47 24.73 11.15
N ASP B 211 6.11 25.89 11.22
CA ASP B 211 5.61 27.02 12.02
C ASP B 211 4.86 28.08 11.20
N ASN B 212 4.76 27.90 9.88
CA ASN B 212 3.97 28.80 9.05
C ASN B 212 2.51 28.80 9.49
N PRO B 213 1.92 29.99 9.75
CA PRO B 213 0.49 30.00 10.07
C PRO B 213 -0.37 29.80 8.84
N LEU B 214 -1.63 29.43 9.06
CA LEU B 214 -2.63 29.30 8.00
C LEU B 214 -3.52 30.52 8.03
N ARG B 215 -3.70 31.17 6.89
CA ARG B 215 -4.64 32.27 6.76
C ARG B 215 -5.84 31.78 6.01
N VAL B 216 -7.01 31.95 6.61
CA VAL B 216 -8.25 31.48 6.03
C VAL B 216 -9.16 32.65 5.67
N GLN B 217 -9.80 32.56 4.51
CA GLN B 217 -10.81 33.52 4.09
C GLN B 217 -12.03 32.73 3.64
N ILE B 218 -13.21 33.16 4.10
CA ILE B 218 -14.46 32.52 3.70
C ILE B 218 -15.40 33.57 3.12
N GLY B 219 -16.00 33.25 1.97
CA GLY B 219 -17.07 34.05 1.40
C GLY B 219 -18.37 33.27 1.44
N SER B 220 -19.36 33.74 0.69
CA SER B 220 -20.65 33.09 0.67
C SER B 220 -20.61 31.75 -0.06
N ASN B 221 -19.72 31.65 -1.05
CA ASN B 221 -19.67 30.47 -1.91
C ASN B 221 -18.29 29.90 -2.14
N ASN B 222 -17.29 30.41 -1.41
CA ASN B 222 -15.91 29.97 -1.57
C ASN B 222 -15.19 30.01 -0.23
N ILE B 223 -14.13 29.20 -0.16
CA ILE B 223 -13.18 29.24 0.94
C ILE B 223 -11.75 29.26 0.36
N ARG B 224 -10.85 29.95 1.03
CA ARG B 224 -9.43 29.98 0.63
C ARG B 224 -8.56 29.80 1.85
N ALA B 225 -7.49 29.05 1.69
CA ALA B 225 -6.49 28.88 2.73
C ALA B 225 -5.11 29.11 2.13
N HIS B 226 -4.31 29.94 2.82
CA HIS B 226 -2.96 30.25 2.39
CA HIS B 226 -2.93 30.27 2.41
C HIS B 226 -1.97 29.71 3.44
N VAL B 227 -1.00 28.92 3.00
CA VAL B 227 0.07 28.39 3.86
C VAL B 227 1.34 28.51 3.07
N GLY B 228 2.33 29.20 3.61
CA GLY B 228 3.59 29.43 2.89
C GLY B 228 3.30 29.97 1.51
N ASP B 229 3.82 29.31 0.50
CA ASP B 229 3.60 29.76 -0.88
C ASP B 229 2.58 28.93 -1.61
N PHE B 230 1.63 28.36 -0.86
CA PHE B 230 0.53 27.60 -1.43
C PHE B 230 -0.79 28.29 -1.12
N ILE B 231 -1.67 28.32 -2.12
CA ILE B 231 -2.98 28.93 -1.96
C ILE B 231 -4.01 27.95 -2.47
N PHE B 232 -4.86 27.49 -1.55
CA PHE B 232 -5.96 26.60 -1.89
C PHE B 232 -7.27 27.34 -1.89
N THR B 233 -8.07 27.15 -2.94
CA THR B 233 -9.40 27.75 -3.03
C THR B 233 -10.42 26.71 -3.47
N SER B 234 -11.53 26.63 -2.75
CA SER B 234 -12.62 25.72 -3.15
C SER B 234 -13.97 26.43 -3.19
N LYS B 235 -14.80 26.04 -4.15
CA LYS B 235 -16.21 26.37 -4.06
C LYS B 235 -16.81 25.59 -2.87
N LEU B 236 -17.84 26.17 -2.28
CA LEU B 236 -18.55 25.52 -1.19
C LEU B 236 -19.71 24.68 -1.70
N VAL B 237 -20.12 23.68 -0.92
CA VAL B 237 -21.28 22.87 -1.26
C VAL B 237 -22.56 23.65 -0.96
N ASP B 238 -23.45 23.74 -1.94
CA ASP B 238 -24.66 24.58 -1.87
C ASP B 238 -25.85 23.82 -1.27
N GLY B 239 -25.84 23.71 0.06
CA GLY B 239 -26.89 23.02 0.80
C GLY B 239 -26.96 23.53 2.23
N ARG B 240 -27.92 23.02 3.00
CA ARG B 240 -28.03 23.41 4.41
C ARG B 240 -27.73 22.20 5.27
N PHE B 241 -26.66 22.29 6.07
CA PHE B 241 -26.17 21.13 6.83
C PHE B 241 -27.06 20.94 8.05
N PRO B 242 -27.19 19.69 8.53
CA PRO B 242 -27.82 19.45 9.84
C PRO B 242 -27.13 20.16 11.01
N ASP B 243 -27.91 20.50 12.04
CA ASP B 243 -27.41 21.21 13.21
C ASP B 243 -27.01 20.22 14.31
N TYR B 244 -25.71 20.17 14.62
CA TYR B 244 -25.20 19.21 15.61
C TYR B 244 -25.82 19.36 17.00
N ARG B 245 -26.17 20.59 17.36
CA ARG B 245 -26.76 20.89 18.66
C ARG B 245 -28.03 20.07 18.87
N ARG B 246 -28.79 19.86 17.80
CA ARG B 246 -30.07 19.15 17.86
C ARG B 246 -29.92 17.62 17.84
N VAL B 247 -28.71 17.11 17.56
CA VAL B 247 -28.50 15.65 17.55
C VAL B 247 -27.78 15.14 18.81
N LEU B 248 -27.09 16.03 19.53
CA LEU B 248 -26.49 15.63 20.80
C LEU B 248 -27.58 15.16 21.76
N PRO B 249 -27.40 13.98 22.39
CA PRO B 249 -28.40 13.52 23.36
C PRO B 249 -28.70 14.55 24.44
N LYS B 250 -29.98 14.71 24.78
CA LYS B 250 -30.41 15.83 25.65
C LYS B 250 -30.00 15.65 27.10
N ASN B 251 -30.20 14.45 27.64
CA ASN B 251 -29.78 14.15 29.01
C ASN B 251 -29.26 12.72 29.13
N PRO B 252 -28.01 12.49 28.70
CA PRO B 252 -27.35 11.18 28.74
C PRO B 252 -26.66 10.93 30.08
N ASP B 253 -27.46 10.58 31.08
CA ASP B 253 -27.02 10.54 32.48
C ASP B 253 -26.11 9.36 32.87
N LYS B 254 -26.24 8.23 32.19
CA LYS B 254 -25.37 7.07 32.46
C LYS B 254 -24.00 7.34 31.85
N HIS B 255 -22.97 7.47 32.69
CA HIS B 255 -21.62 7.82 32.26
C HIS B 255 -20.65 6.65 32.46
N LEU B 256 -19.99 6.25 31.39
CA LEU B 256 -18.96 5.21 31.47
C LEU B 256 -17.59 5.79 31.15
N GLU B 257 -16.59 5.45 31.96
CA GLU B 257 -15.22 5.85 31.69
C GLU B 257 -14.31 4.62 31.61
N ALA B 258 -13.40 4.62 30.64
CA ALA B 258 -12.43 3.52 30.50
C ALA B 258 -11.23 3.93 29.66
N GLY B 259 -10.17 3.14 29.73
CA GLY B 259 -8.98 3.39 28.93
C GLY B 259 -9.30 3.27 27.45
N CYS B 260 -8.85 4.23 26.67
CA CYS B 260 -9.13 4.25 25.24
C CYS B 260 -8.59 3.01 24.53
N ASP B 261 -7.31 2.71 24.74
CA ASP B 261 -6.70 1.57 24.04
C ASP B 261 -7.26 0.23 24.50
N LEU B 262 -7.47 0.05 25.81
CA LEU B 262 -8.15 -1.17 26.30
C LEU B 262 -9.49 -1.37 25.62
N LEU B 263 -10.30 -0.30 25.54
CA LEU B 263 -11.58 -0.39 24.84
C LEU B 263 -11.41 -0.70 23.36
N LYS B 264 -10.53 0.05 22.71
CA LYS B 264 -10.27 -0.14 21.27
C LYS B 264 -9.85 -1.58 20.94
N GLN B 265 -8.90 -2.13 21.68
CA GLN B 265 -8.43 -3.50 21.39
C GLN B 265 -9.49 -4.55 21.65
N ALA B 266 -10.35 -4.32 22.65
CA ALA B 266 -11.41 -5.26 22.96
C ALA B 266 -12.46 -5.24 21.87
N PHE B 267 -12.87 -4.05 21.46
CA PHE B 267 -13.78 -3.94 20.34
C PHE B 267 -13.19 -4.54 19.07
N ALA B 268 -11.90 -4.32 18.82
CA ALA B 268 -11.26 -4.86 17.62
C ALA B 268 -11.29 -6.41 17.60
N ARG B 269 -11.04 -7.03 18.75
CA ARG B 269 -11.06 -8.49 18.85
C ARG B 269 -12.48 -9.04 18.69
N ALA B 270 -13.46 -8.45 19.39
CA ALA B 270 -14.85 -8.88 19.25
C ALA B 270 -15.34 -8.75 17.81
N ALA B 271 -14.89 -7.70 17.13
CA ALA B 271 -15.26 -7.41 15.72
C ALA B 271 -14.97 -8.59 14.80
N ILE B 272 -13.90 -9.33 15.12
CA ILE B 272 -13.51 -10.50 14.32
C ILE B 272 -14.68 -11.49 14.13
N LEU B 273 -15.51 -11.64 15.15
CA LEU B 273 -16.63 -12.56 15.11
C LEU B 273 -17.99 -11.87 15.03
N SER B 274 -18.01 -10.62 14.55
CA SER B 274 -19.25 -9.90 14.31
C SER B 274 -19.76 -10.26 12.91
N ASN B 275 -21.05 -10.05 12.69
CA ASN B 275 -21.61 -10.27 11.36
C ASN B 275 -20.77 -9.53 10.33
N GLU B 276 -20.39 -10.22 9.26
CA GLU B 276 -19.46 -9.66 8.27
C GLU B 276 -20.00 -8.42 7.58
N LYS B 277 -21.32 -8.39 7.38
CA LYS B 277 -21.99 -7.24 6.77
C LYS B 277 -22.40 -6.18 7.79
N PHE B 278 -23.09 -6.59 8.84
CA PHE B 278 -23.73 -5.64 9.77
C PHE B 278 -22.84 -5.18 10.93
N ARG B 279 -21.77 -5.94 11.20
CA ARG B 279 -20.71 -5.53 12.15
C ARG B 279 -21.19 -5.20 13.57
N GLY B 280 -22.29 -5.82 13.97
CA GLY B 280 -22.88 -5.50 15.26
C GLY B 280 -22.17 -6.17 16.42
N VAL B 281 -21.93 -5.37 17.46
CA VAL B 281 -21.53 -5.88 18.76
C VAL B 281 -22.55 -5.44 19.81
N ARG B 282 -22.57 -6.16 20.91
CA ARG B 282 -23.49 -5.91 22.01
C ARG B 282 -22.67 -5.45 23.21
N LEU B 283 -23.08 -4.35 23.82
CA LEU B 283 -22.42 -3.86 25.05
C LEU B 283 -23.36 -4.08 26.22
N TYR B 284 -22.88 -4.75 27.27
CA TYR B 284 -23.63 -4.88 28.53
CA TYR B 284 -23.65 -4.81 28.52
C TYR B 284 -22.88 -4.07 29.58
N VAL B 285 -23.47 -3.00 30.10
CA VAL B 285 -22.81 -2.20 31.12
C VAL B 285 -23.41 -2.55 32.48
N SER B 286 -22.56 -2.73 33.46
CA SER B 286 -23.01 -3.04 34.81
C SER B 286 -22.01 -2.41 35.74
N GLU B 287 -22.22 -2.56 37.04
CA GLU B 287 -21.40 -1.83 37.99
C GLU B 287 -19.92 -2.06 37.73
N ASN B 288 -19.24 -0.98 37.36
CA ASN B 288 -17.82 -0.97 37.01
C ASN B 288 -17.38 -2.03 36.02
N GLN B 289 -18.28 -2.43 35.14
CA GLN B 289 -17.93 -3.46 34.16
C GLN B 289 -18.59 -3.24 32.82
N LEU B 290 -17.83 -3.51 31.78
CA LEU B 290 -18.35 -3.50 30.41
C LEU B 290 -18.10 -4.87 29.85
N LYS B 291 -19.17 -5.50 29.36
CA LYS B 291 -19.02 -6.74 28.62
C LYS B 291 -19.35 -6.45 27.17
N ILE B 292 -18.45 -6.86 26.28
CA ILE B 292 -18.64 -6.71 24.85
C ILE B 292 -18.79 -8.11 24.27
N THR B 293 -19.86 -8.33 23.54
CA THR B 293 -20.05 -9.61 22.88
C THR B 293 -20.30 -9.40 21.40
N ALA B 294 -19.88 -10.39 20.64
CA ALA B 294 -20.14 -10.40 19.23
C ALA B 294 -20.54 -11.80 18.89
N ASN B 295 -21.49 -11.93 17.99
CA ASN B 295 -21.68 -13.19 17.33
C ASN B 295 -22.13 -12.99 15.89
N ASN B 296 -21.85 -13.99 15.08
CA ASN B 296 -22.17 -13.92 13.67
C ASN B 296 -23.25 -14.96 13.32
N PRO B 297 -23.79 -14.89 12.10
CA PRO B 297 -24.82 -15.86 11.72
C PRO B 297 -24.39 -17.33 11.85
N GLU B 298 -23.08 -17.61 11.81
CA GLU B 298 -22.56 -18.98 11.98
C GLU B 298 -22.52 -19.41 13.46
N GLN B 299 -23.02 -18.55 14.35
CA GLN B 299 -23.12 -18.84 15.77
C GLN B 299 -21.77 -18.87 16.51
N GLU B 300 -20.73 -18.27 15.92
CA GLU B 300 -19.46 -18.11 16.62
C GLU B 300 -19.63 -16.94 17.58
N GLU B 301 -18.81 -16.88 18.64
CA GLU B 301 -19.00 -15.91 19.70
C GLU B 301 -17.71 -15.37 20.24
N ALA B 302 -17.67 -14.07 20.46
CA ALA B 302 -16.58 -13.38 21.16
C ALA B 302 -17.13 -12.71 22.42
N GLU B 303 -16.35 -12.73 23.49
CA GLU B 303 -16.72 -12.04 24.70
C GLU B 303 -15.49 -11.37 25.30
N GLU B 304 -15.64 -10.08 25.60
CA GLU B 304 -14.59 -9.31 26.24
C GLU B 304 -15.17 -8.68 27.49
N ILE B 305 -14.49 -8.85 28.62
CA ILE B 305 -14.87 -8.18 29.85
C ILE B 305 -13.77 -7.19 30.21
N LEU B 306 -14.18 -5.97 30.54
CA LEU B 306 -13.28 -4.88 30.88
C LEU B 306 -13.75 -4.25 32.19
N ASP B 307 -12.78 -3.82 32.99
CA ASP B 307 -13.05 -3.02 34.16
C ASP B 307 -13.19 -1.56 33.72
N VAL B 308 -14.28 -0.93 34.11
CA VAL B 308 -14.53 0.47 33.75
C VAL B 308 -15.08 1.17 34.99
N THR B 309 -15.28 2.47 34.87
CA THR B 309 -16.01 3.20 35.88
C THR B 309 -17.43 3.45 35.37
N TYR B 310 -18.40 2.84 36.04
CA TYR B 310 -19.82 2.96 35.70
C TYR B 310 -20.70 2.74 36.95
N SER B 311 -21.61 3.66 37.21
CA SER B 311 -22.52 3.61 38.38
C SER B 311 -24.02 3.56 38.04
N GLY B 312 -24.37 3.70 36.76
CA GLY B 312 -25.76 3.85 36.34
C GLY B 312 -26.47 2.51 36.25
N ALA B 313 -27.70 2.50 35.73
CA ALA B 313 -28.43 1.24 35.63
C ALA B 313 -27.81 0.33 34.58
N GLU B 314 -27.91 -0.97 34.81
CA GLU B 314 -27.49 -1.94 33.81
C GLU B 314 -28.30 -1.72 32.56
N MET B 315 -27.67 -1.90 31.42
CA MET B 315 -28.38 -1.89 30.14
C MET B 315 -27.56 -2.59 29.09
N GLU B 316 -28.24 -3.00 28.03
CA GLU B 316 -27.64 -3.67 26.89
C GLU B 316 -27.94 -2.83 25.66
N ILE B 317 -26.93 -2.60 24.82
CA ILE B 317 -27.09 -1.76 23.66
C ILE B 317 -26.13 -2.24 22.58
N GLY B 318 -26.61 -2.22 21.34
CA GLY B 318 -25.85 -2.66 20.20
C GLY B 318 -25.35 -1.51 19.35
N PHE B 319 -24.13 -1.69 18.83
CA PHE B 319 -23.52 -0.75 17.91
C PHE B 319 -22.79 -1.43 16.79
N ASN B 320 -22.72 -0.72 15.67
CA ASN B 320 -21.81 -1.04 14.60
C ASN B 320 -20.39 -0.81 15.10
N VAL B 321 -19.62 -1.89 15.16
CA VAL B 321 -18.32 -1.82 15.81
C VAL B 321 -17.34 -0.95 14.99
N SER B 322 -17.50 -0.88 13.68
CA SER B 322 -16.68 0.00 12.86
CA SER B 322 -16.68 0.02 12.86
C SER B 322 -16.89 1.47 13.27
N TYR B 323 -18.13 1.85 13.59
CA TYR B 323 -18.39 3.24 13.99
C TYR B 323 -17.70 3.53 15.32
N VAL B 324 -17.73 2.56 16.22
CA VAL B 324 -17.08 2.73 17.51
C VAL B 324 -15.55 2.81 17.36
N LEU B 325 -14.98 1.87 16.61
CA LEU B 325 -13.54 1.83 16.36
C LEU B 325 -13.04 3.12 15.69
N ASP B 326 -13.80 3.65 14.73
CA ASP B 326 -13.45 4.92 14.09
C ASP B 326 -13.30 6.05 15.09
N VAL B 327 -14.22 6.13 16.05
CA VAL B 327 -14.17 7.15 17.09
C VAL B 327 -12.96 6.95 18.00
N LEU B 328 -12.74 5.74 18.48
CA LEU B 328 -11.64 5.48 19.42
C LEU B 328 -10.29 5.75 18.74
N ASN B 329 -10.23 5.44 17.45
CA ASN B 329 -9.03 5.71 16.65
C ASN B 329 -8.76 7.19 16.41
N ALA B 330 -9.82 7.97 16.33
CA ALA B 330 -9.71 9.42 16.16
C ALA B 330 -9.40 10.14 17.48
N LEU B 331 -9.78 9.55 18.61
CA LEU B 331 -9.57 10.21 19.90
C LEU B 331 -8.10 10.16 20.33
N LYS B 332 -7.46 9.00 20.18
CA LYS B 332 -6.03 8.85 20.49
C LYS B 332 -5.67 9.41 21.86
N CYS B 333 -6.47 9.10 22.87
CA CYS B 333 -6.27 9.70 24.19
C CYS B 333 -6.17 8.61 25.25
N GLU B 334 -5.88 9.00 26.48
CA GLU B 334 -5.69 8.02 27.55
C GLU B 334 -7.00 7.35 27.90
N ASN B 335 -8.02 8.16 28.15
CA ASN B 335 -9.31 7.70 28.65
C ASN B 335 -10.46 8.31 27.86
N VAL B 336 -11.53 7.53 27.73
CA VAL B 336 -12.72 7.93 26.96
C VAL B 336 -13.95 7.88 27.87
N ARG B 337 -14.88 8.79 27.64
CA ARG B 337 -16.16 8.83 28.34
C ARG B 337 -17.28 8.51 27.36
N MET B 338 -18.12 7.54 27.71
CA MET B 338 -19.32 7.26 26.92
C MET B 338 -20.53 7.68 27.75
N MET B 339 -21.45 8.38 27.10
CA MET B 339 -22.62 8.93 27.77
C MET B 339 -23.83 8.27 27.16
N LEU B 340 -24.56 7.50 27.97
CA LEU B 340 -25.67 6.68 27.47
C LEU B 340 -27.00 7.11 28.06
N THR B 341 -28.08 6.73 27.40
CA THR B 341 -29.42 7.02 27.87
C THR B 341 -30.18 5.71 28.02
N ASP B 342 -30.42 5.04 26.90
CA ASP B 342 -31.14 3.76 26.87
C ASP B 342 -30.79 2.99 25.60
N SER B 343 -31.33 1.78 25.47
CA SER B 343 -30.95 0.88 24.38
C SER B 343 -31.44 1.29 23.00
N VAL B 344 -32.33 2.27 22.93
CA VAL B 344 -32.84 2.70 21.61
C VAL B 344 -32.40 4.11 21.26
N SER B 345 -31.43 4.64 22.01
CA SER B 345 -30.95 6.01 21.85
C SER B 345 -29.46 6.03 21.55
N SER B 346 -29.10 7.08 20.85
CA SER B 346 -27.60 7.28 20.58
CA SER B 346 -27.67 7.19 20.53
C SER B 346 -26.68 7.41 21.89
N VAL B 347 -25.43 7.13 21.61
CA VAL B 347 -24.40 7.32 22.64
C VAL B 347 -23.57 8.55 22.23
N GLN B 348 -23.09 9.30 23.23
CA GLN B 348 -22.13 10.36 22.98
C GLN B 348 -20.80 9.91 23.58
N ILE B 349 -19.73 10.07 22.80
CA ILE B 349 -18.40 9.64 23.19
C ILE B 349 -17.46 10.84 23.12
N GLU B 350 -16.62 11.00 24.14
CA GLU B 350 -15.66 12.09 24.20
C GLU B 350 -14.40 11.59 24.86
N ASP B 351 -13.32 12.34 24.65
CA ASP B 351 -12.11 12.18 25.43
C ASP B 351 -12.51 12.52 26.88
N ALA B 352 -12.18 11.63 27.82
CA ALA B 352 -12.45 11.90 29.23
C ALA B 352 -11.83 13.22 29.68
N ALA B 353 -10.74 13.61 29.02
CA ALA B 353 -9.98 14.83 29.37
C ALA B 353 -10.49 16.14 28.77
N SER B 354 -11.32 16.07 27.74
CA SER B 354 -11.68 17.29 27.01
C SER B 354 -13.03 17.16 26.37
N GLN B 355 -13.79 18.25 26.36
CA GLN B 355 -15.06 18.29 25.62
C GLN B 355 -14.91 18.98 24.26
N SER B 356 -13.66 19.14 23.79
CA SER B 356 -13.39 19.83 22.53
C SER B 356 -13.92 19.05 21.33
N ALA B 357 -14.01 17.73 21.44
CA ALA B 357 -14.57 16.89 20.40
C ALA B 357 -15.68 16.02 20.99
N ALA B 358 -16.73 15.80 20.20
CA ALA B 358 -17.82 14.94 20.62
C ALA B 358 -18.28 14.10 19.46
N TYR B 359 -18.64 12.86 19.76
CA TYR B 359 -19.09 11.89 18.76
C TYR B 359 -20.42 11.29 19.15
N VAL B 360 -21.33 11.21 18.19
CA VAL B 360 -22.65 10.65 18.45
C VAL B 360 -22.85 9.46 17.53
N VAL B 361 -23.20 8.31 18.12
CA VAL B 361 -23.36 7.09 17.32
C VAL B 361 -24.73 6.50 17.63
N MET B 362 -25.51 6.26 16.59
CA MET B 362 -26.82 5.65 16.76
CA MET B 362 -26.82 5.64 16.74
C MET B 362 -26.67 4.17 17.05
N PRO B 363 -27.58 3.61 17.84
CA PRO B 363 -27.50 2.18 18.14
C PRO B 363 -28.01 1.34 16.99
N MET B 364 -27.71 0.05 17.06
CA MET B 364 -28.23 -0.95 16.12
C MET B 364 -29.32 -1.77 16.77
N ARG B 365 -30.33 -2.13 16.00
CA ARG B 365 -31.38 -3.01 16.52
C ARG B 365 -30.79 -4.38 16.85
N LEU B 366 -29.95 -4.90 15.95
CA LEU B 366 -28.98 -5.98 16.25
C LEU B 366 -29.65 -7.33 16.48
C1 PGE C . -1.53 -10.13 29.41
O1 PGE C . -0.59 -9.72 28.40
C2 PGE C . -2.72 -10.83 28.79
O2 PGE C . -3.21 -11.92 29.58
C3 PGE C . -2.69 -13.21 29.21
C4 PGE C . -3.06 -14.31 30.23
O4 PGE C . -4.75 -18.12 29.16
C6 PGE C . -5.36 -17.28 30.15
C5 PGE C . -4.34 -16.28 30.69
O3 PGE C . -4.19 -15.12 29.85
C1 PEG D . -5.84 1.81 -26.99
O1 PEG D . -4.68 2.49 -27.51
C2 PEG D . -5.50 0.93 -25.78
O2 PEG D . -4.88 -0.28 -26.21
C3 PEG D . -4.68 -1.23 -25.16
C4 PEG D . -3.24 -1.74 -25.13
O4 PEG D . -3.07 -2.93 -25.89
CL CL E . 4.41 -21.36 26.41
CL 0LA F . 14.45 -14.83 -23.31
C3 0LA F . 13.50 -15.86 -24.41
C2 0LA F . 13.55 -15.46 -25.74
C1 0LA F . 12.86 -16.13 -26.73
C9A 0LA F . 12.11 -17.25 -26.38
N9 0LA F . 11.34 -18.11 -27.10
C4 0LA F . 12.77 -16.97 -23.99
C4A 0LA F . 12.08 -17.66 -24.98
C4B 0LA F . 11.23 -18.84 -24.92
C5 0LA F . 10.83 -19.68 -23.87
C6 0LA F . 9.99 -20.76 -24.20
C8A 0LA F . 10.80 -19.08 -26.31
C8 0LA F . 9.97 -20.15 -26.58
C7 0LA F . 9.56 -20.99 -25.53
C10 0LA F . 8.70 -22.15 -25.92
C14 0LA F . 7.25 -22.05 -25.53
C11 0LA F . 9.30 -23.38 -25.32
O13 0LA F . 10.43 -23.90 -25.80
O12 0LA F . 8.74 -23.94 -24.38
C1 PEG G . -37.40 -0.17 8.71
O1 PEG G . -37.54 -1.59 8.86
C2 PEG G . -38.42 0.55 9.58
O2 PEG G . -38.31 0.11 10.93
C3 PEG G . -39.07 0.91 11.84
C4 PEG G . -39.38 0.13 13.11
O4 PEG G . -39.66 -1.24 12.84
C1 PEG H . -17.46 32.89 -14.90
O1 PEG H . -17.32 34.08 -14.12
C2 PEG H . -17.60 31.61 -14.07
O2 PEG H . -18.01 31.89 -12.74
C3 PEG H . -18.86 30.96 -12.08
C4 PEG H . -19.02 31.31 -10.60
O4 PEG H . -20.12 30.59 -10.03
C1 PGE I . -1.61 13.83 -10.84
O1 PGE I . -1.96 12.45 -10.64
C2 PGE I . -0.12 13.92 -11.19
O2 PGE I . 0.74 14.34 -10.11
C3 PGE I . 0.49 13.76 -8.83
C4 PGE I . 1.81 13.70 -8.06
O4 PGE I . 2.88 9.81 -7.36
C6 PGE I . 2.28 10.50 -6.26
C5 PGE I . 2.41 12.01 -6.45
O3 PGE I . 2.11 12.33 -7.82
C1 PEG J . -2.92 39.57 -14.90
O1 PEG J . -4.07 38.72 -15.05
C2 PEG J . -1.75 39.07 -15.75
O2 PEG J . -0.56 39.83 -15.48
C3 PEG J . 0.56 39.04 -15.12
C4 PEG J . 0.48 38.62 -13.64
O4 PEG J . 1.33 39.44 -12.83
CA CA K . -7.83 11.19 28.67
CL CL L . 14.16 23.48 -22.84
CL CL M . 16.37 27.41 -8.79
#